data_4YN3
#
_entry.id   4YN3
#
_cell.length_a   97.738
_cell.length_b   97.738
_cell.length_c   73.433
_cell.angle_alpha   90.00
_cell.angle_beta   90.00
_cell.angle_gamma   90.00
#
_symmetry.space_group_name_H-M   'P 42'
#
loop_
_entity.id
_entity.type
_entity.pdbx_description
1 polymer Cucumisin
2 polymer Cucumisin
3 branched alpha-D-mannopyranose-(1-6)-beta-D-mannopyranose-(1-4)-2-acetamido-2-deoxy-beta-D-glucopyranose-(1-4)-[alpha-L-fucopyranose-(1-3)]2-acetamido-2-deoxy-beta-D-glucopyranose
4 branched alpha-L-fucopyranose-(1-3)-[2-acetamido-2-deoxy-beta-D-glucopyranose-(1-4)]2-acetamido-2-deoxy-beta-D-glucopyranose
5 non-polymer 'CHLORIDE ION'
6 non-polymer DI(HYDROXYETHYL)ETHER
7 non-polymer GLYCEROL
8 water water
#
loop_
_entity_poly.entity_id
_entity_poly.type
_entity_poly.pdbx_seq_one_letter_code
_entity_poly.pdbx_strand_id
1 'polypeptide(L)'
;TTRSWDFLGFPLTVPRRSQVESNIVVGVLDTGIWPESPSFDDEGFSPPPPKWKGTCETSNNFRCNRKIIGARSYHIGRPI
SPGDVNGPRDTNGHGTHTASTAAGGLVSQANLYGLGLGTARGGVPLARIAAYKVCWNDGCSDTDILAAYDDAIADGVDII
SLSVGGANPRHYFVDAIAIGSFHAVERGILTSNSAGNGGPNFFTTASLSPWLLSVAASTMDRKFVTQVQIGNGQSFQGVS
INTFDNQYYPLVSGRDIPNTGFDKSTSRFCTDKSVNPNLLKGKIVVCEASFGPHEFFKSLDGAAGVLMTSNTRDYADSYP
LPSSVLDPNDLLATLRYIYSIRSPGATIFKSTTILNASAPVVVSFSSRGPNRATKDVIKPDISGPGVEILAAWPSVAPVG
GIRRNTLFNIISGTSMSCPHITGIATYVKTYNPTWSPAAIKSALMTTASPMNARFNPQAEFAYGSGHVNPLKAVRPGLVY
DANESDYVKFLCGQGYNTQAVRRITGDYSACTSGNTGRVWDLNYPSFGLSVSPSQTFNQYFNRTLTSVAPQASTYRAMIS
APQGLTISVNPNVLSFNGLGDRKSFTLTVRGSIKGFVVSASLVWSDGVHYVRSPITITSLV
;
A
2 'polypeptide(L)'
;GSSGSSGMRLDSDDDGKNIYIVYMGRKLEDPDSAHLHHRAMLEQVVGSTFAPESVLHTYKRSFNGFAVKLTEEEAEKIAS
MEGVVSVFLNEMNELH
;
B
#
loop_
_chem_comp.id
_chem_comp.type
_chem_comp.name
_chem_comp.formula
BMA D-saccharide, beta linking beta-D-mannopyranose 'C6 H12 O6'
CL non-polymer 'CHLORIDE ION' 'Cl -1'
FUC L-saccharide, alpha linking alpha-L-fucopyranose 'C6 H12 O5'
GOL non-polymer GLYCEROL 'C3 H8 O3'
MAN D-saccharide, alpha linking alpha-D-mannopyranose 'C6 H12 O6'
NAG D-saccharide, beta linking 2-acetamido-2-deoxy-beta-D-glucopyranose 'C8 H15 N O6'
PEG non-polymer DI(HYDROXYETHYL)ETHER 'C4 H10 O3'
#
# COMPACT_ATOMS: atom_id res chain seq x y z
N THR A 1 -8.28 -7.44 -9.53
CA THR A 1 -7.32 -8.53 -9.81
C THR A 1 -7.73 -9.30 -11.06
N THR A 2 -8.92 -9.01 -11.59
CA THR A 2 -9.38 -9.67 -12.80
C THR A 2 -8.59 -9.15 -14.01
N ARG A 3 -7.88 -8.04 -13.82
CA ARG A 3 -7.05 -7.44 -14.88
C ARG A 3 -5.62 -7.10 -14.45
N SER A 4 -5.46 -6.67 -13.20
CA SER A 4 -4.13 -6.27 -12.71
C SER A 4 -3.02 -7.26 -12.98
N TRP A 5 -3.21 -8.53 -12.62
CA TRP A 5 -2.18 -9.53 -12.83
C TRP A 5 -1.86 -9.67 -14.32
N ASP A 6 -2.90 -9.70 -15.15
CA ASP A 6 -2.71 -9.81 -16.60
C ASP A 6 -1.93 -8.59 -17.11
N PHE A 7 -2.27 -7.42 -16.59
CA PHE A 7 -1.61 -6.17 -16.96
C PHE A 7 -0.11 -6.23 -16.62
N LEU A 8 0.22 -6.96 -15.54
CA LEU A 8 1.61 -7.13 -15.10
C LEU A 8 2.35 -8.23 -15.86
N GLY A 9 1.66 -8.91 -16.77
CA GLY A 9 2.29 -9.98 -17.52
C GLY A 9 2.39 -11.24 -16.67
N PHE A 10 1.39 -11.42 -15.81
CA PHE A 10 1.35 -12.56 -14.88
C PHE A 10 0.01 -13.29 -15.07
N PRO A 11 -0.14 -14.00 -16.20
CA PRO A 11 -1.37 -14.75 -16.51
C PRO A 11 -1.70 -15.91 -15.58
N LEU A 12 -2.92 -16.40 -15.68
CA LEU A 12 -3.38 -17.52 -14.84
C LEU A 12 -2.50 -18.75 -15.03
N THR A 13 -1.87 -18.86 -16.20
CA THR A 13 -1.05 -20.02 -16.52
C THR A 13 0.45 -19.91 -16.25
N VAL A 14 0.87 -19.00 -15.37
CA VAL A 14 2.30 -18.86 -15.09
C VAL A 14 2.82 -20.12 -14.40
N PRO A 15 4.12 -20.42 -14.59
CA PRO A 15 4.73 -21.60 -13.98
C PRO A 15 4.73 -21.46 -12.46
N ARG A 16 4.62 -22.57 -11.76
CA ARG A 16 4.63 -22.52 -10.30
C ARG A 16 5.29 -23.72 -9.64
N ARG A 17 5.87 -23.47 -8.46
CA ARG A 17 6.48 -24.51 -7.67
C ARG A 17 5.37 -24.79 -6.65
N SER A 18 4.36 -25.52 -7.11
CA SER A 18 3.18 -25.83 -6.31
C SER A 18 3.41 -26.42 -4.92
N GLN A 19 4.30 -27.40 -4.80
CA GLN A 19 4.53 -27.99 -3.49
C GLN A 19 5.12 -26.96 -2.52
N VAL A 20 6.07 -26.17 -3.01
CA VAL A 20 6.69 -25.15 -2.18
C VAL A 20 5.69 -24.05 -1.84
N GLU A 21 4.96 -23.56 -2.83
CA GLU A 21 3.97 -22.51 -2.61
C GLU A 21 2.89 -22.95 -1.62
N SER A 22 2.50 -24.22 -1.67
CA SER A 22 1.45 -24.75 -0.80
C SER A 22 1.87 -24.83 0.67
N ASN A 23 3.17 -24.65 0.93
CA ASN A 23 3.67 -24.70 2.30
C ASN A 23 4.21 -23.35 2.80
N ILE A 24 3.99 -22.30 2.01
CA ILE A 24 4.44 -20.97 2.40
C ILE A 24 3.28 -20.32 3.13
N VAL A 25 3.59 -19.55 4.18
CA VAL A 25 2.55 -18.88 4.95
C VAL A 25 2.71 -17.36 4.86
N VAL A 26 1.65 -16.70 4.41
CA VAL A 26 1.62 -15.24 4.27
C VAL A 26 0.88 -14.65 5.45
N GLY A 27 1.58 -13.85 6.24
CA GLY A 27 0.95 -13.22 7.38
C GLY A 27 0.33 -11.89 6.97
N VAL A 28 -0.92 -11.67 7.33
CA VAL A 28 -1.57 -10.41 6.98
C VAL A 28 -2.04 -9.65 8.21
N LEU A 29 -1.40 -8.52 8.49
CA LEU A 29 -1.77 -7.68 9.62
C LEU A 29 -2.70 -6.61 9.07
N ASP A 30 -3.99 -6.76 9.34
CA ASP A 30 -5.00 -5.85 8.81
C ASP A 30 -6.25 -5.81 9.71
N THR A 31 -7.43 -5.72 9.10
CA THR A 31 -8.69 -5.68 9.85
C THR A 31 -9.28 -7.07 10.08
N GLY A 32 -8.47 -8.10 9.93
CA GLY A 32 -8.95 -9.45 10.13
C GLY A 32 -9.32 -10.09 8.80
N ILE A 33 -10.08 -11.18 8.82
CA ILE A 33 -10.44 -11.85 7.57
C ILE A 33 -11.84 -12.47 7.62
N TRP A 34 -12.49 -12.58 6.46
CA TRP A 34 -13.85 -13.15 6.35
C TRP A 34 -13.67 -14.55 5.75
N PRO A 35 -13.63 -15.59 6.60
CA PRO A 35 -13.45 -16.99 6.15
C PRO A 35 -14.42 -17.57 5.13
N GLU A 36 -15.64 -17.02 5.05
CA GLU A 36 -16.63 -17.52 4.11
C GLU A 36 -16.40 -17.09 2.66
N SER A 37 -15.40 -16.25 2.43
CA SER A 37 -15.14 -15.79 1.06
C SER A 37 -14.65 -16.91 0.15
N PRO A 38 -15.16 -16.95 -1.10
CA PRO A 38 -14.77 -17.96 -2.08
C PRO A 38 -13.26 -17.95 -2.32
N SER A 39 -12.65 -16.78 -2.13
CA SER A 39 -11.22 -16.62 -2.32
C SER A 39 -10.39 -17.44 -1.33
N PHE A 40 -10.99 -17.85 -0.22
CA PHE A 40 -10.27 -18.61 0.79
C PHE A 40 -10.72 -20.06 0.94
N ASP A 41 -11.28 -20.63 -0.12
CA ASP A 41 -11.73 -22.02 -0.11
C ASP A 41 -10.49 -22.91 0.01
N ASP A 42 -10.63 -24.09 0.61
CA ASP A 42 -9.47 -24.96 0.80
C ASP A 42 -9.62 -26.37 0.21
N GLU A 43 -10.46 -26.50 -0.81
CA GLU A 43 -10.68 -27.78 -1.45
C GLU A 43 -9.38 -28.31 -2.04
N GLY A 44 -9.02 -29.53 -1.69
CA GLY A 44 -7.81 -30.13 -2.20
C GLY A 44 -6.55 -29.86 -1.40
N PHE A 45 -6.61 -28.89 -0.50
CA PHE A 45 -5.46 -28.55 0.33
C PHE A 45 -5.05 -29.65 1.30
N SER A 46 -3.75 -29.77 1.54
CA SER A 46 -3.23 -30.75 2.48
C SER A 46 -3.23 -30.07 3.85
N PRO A 47 -2.91 -30.82 4.93
CA PRO A 47 -2.90 -30.22 6.26
C PRO A 47 -1.88 -29.10 6.41
N PRO A 48 -2.03 -28.26 7.44
CA PRO A 48 -1.10 -27.14 7.69
C PRO A 48 0.35 -27.62 7.77
N PRO A 49 1.30 -26.82 7.27
CA PRO A 49 2.71 -27.19 7.31
C PRO A 49 3.15 -27.53 8.74
N PRO A 50 3.97 -28.58 8.90
CA PRO A 50 4.47 -29.03 10.21
C PRO A 50 5.16 -27.93 11.02
N LYS A 51 5.75 -26.97 10.31
CA LYS A 51 6.47 -25.85 10.92
C LYS A 51 5.54 -24.84 11.59
N TRP A 52 4.29 -24.80 11.16
CA TRP A 52 3.33 -23.83 11.69
C TRP A 52 3.01 -23.99 13.16
N LYS A 53 3.21 -22.91 13.92
CA LYS A 53 2.95 -22.92 15.36
C LYS A 53 1.83 -21.95 15.77
N GLY A 54 1.19 -21.32 14.80
CA GLY A 54 0.12 -20.37 15.12
C GLY A 54 -1.17 -21.00 15.60
N THR A 55 -1.99 -20.23 16.29
CA THR A 55 -3.26 -20.72 16.80
C THR A 55 -4.44 -20.02 16.12
N CYS A 56 -5.64 -20.49 16.40
CA CYS A 56 -6.84 -19.93 15.80
C CYS A 56 -7.91 -19.54 16.82
N GLU A 57 -8.16 -18.24 16.95
CA GLU A 57 -9.19 -17.76 17.88
C GLU A 57 -10.55 -18.15 17.32
N THR A 58 -11.49 -18.48 18.20
CA THR A 58 -12.82 -18.88 17.78
C THR A 58 -13.92 -17.84 18.00
N SER A 59 -13.62 -16.76 18.72
CA SER A 59 -14.60 -15.71 18.99
C SER A 59 -15.23 -15.16 17.71
N ASN A 60 -16.49 -14.74 17.83
CA ASN A 60 -17.25 -14.19 16.73
C ASN A 60 -17.50 -15.20 15.59
N ASN A 61 -17.72 -16.45 15.97
CA ASN A 61 -18.02 -17.50 14.99
C ASN A 61 -16.93 -17.74 13.95
N PHE A 62 -15.66 -17.68 14.36
CA PHE A 62 -14.57 -17.89 13.41
C PHE A 62 -14.06 -19.33 13.39
N ARG A 63 -13.70 -19.81 12.21
CA ARG A 63 -13.18 -21.15 12.07
C ARG A 63 -12.10 -21.19 11.01
N CYS A 64 -10.91 -21.63 11.37
CA CYS A 64 -9.81 -21.73 10.42
C CYS A 64 -10.01 -22.98 9.58
N ASN A 65 -9.27 -23.07 8.49
CA ASN A 65 -9.34 -24.25 7.63
C ASN A 65 -7.94 -24.53 7.10
N ARG A 66 -7.82 -25.22 5.97
CA ARG A 66 -6.49 -25.52 5.46
C ARG A 66 -5.88 -24.38 4.66
N LYS A 67 -6.69 -23.37 4.35
CA LYS A 67 -6.25 -22.18 3.60
C LYS A 67 -5.87 -21.10 4.63
N ILE A 68 -6.84 -20.69 5.46
CA ILE A 68 -6.58 -19.72 6.52
C ILE A 68 -6.24 -20.58 7.74
N ILE A 69 -4.95 -20.77 7.98
CA ILE A 69 -4.48 -21.62 9.07
C ILE A 69 -4.22 -20.93 10.41
N GLY A 70 -4.29 -19.60 10.40
CA GLY A 70 -4.08 -18.84 11.62
C GLY A 70 -5.02 -17.66 11.68
N ALA A 71 -5.48 -17.31 12.88
CA ALA A 71 -6.40 -16.19 13.05
C ALA A 71 -6.30 -15.64 14.48
N ARG A 72 -5.70 -14.46 14.61
CA ARG A 72 -5.54 -13.81 15.90
C ARG A 72 -6.10 -12.38 15.87
N SER A 73 -6.35 -11.81 17.06
CA SER A 73 -6.84 -10.45 17.15
C SER A 73 -6.21 -9.79 18.37
N TYR A 74 -6.00 -8.49 18.27
CA TYR A 74 -5.38 -7.73 19.35
C TYR A 74 -6.08 -6.37 19.53
N HIS A 75 -6.36 -6.01 20.78
CA HIS A 75 -7.03 -4.74 21.07
C HIS A 75 -6.65 -4.30 22.49
N ILE A 76 -5.38 -3.97 22.66
CA ILE A 76 -4.79 -3.57 23.94
C ILE A 76 -5.04 -2.13 24.39
N GLY A 77 -5.17 -1.95 25.70
CA GLY A 77 -5.32 -0.63 26.28
C GLY A 77 -6.58 0.23 26.24
N ARG A 78 -7.62 -0.17 25.52
CA ARG A 78 -8.83 0.64 25.50
C ARG A 78 -10.05 -0.16 25.09
N PRO A 79 -11.26 0.34 25.42
CA PRO A 79 -12.48 -0.36 25.05
C PRO A 79 -12.75 -0.27 23.55
N ILE A 80 -13.42 -1.27 22.99
CA ILE A 80 -13.72 -1.26 21.57
C ILE A 80 -14.69 -0.13 21.26
N SER A 81 -14.74 0.27 19.99
CA SER A 81 -15.61 1.36 19.56
C SER A 81 -16.87 0.84 18.88
N PRO A 82 -17.84 1.72 18.61
CA PRO A 82 -19.08 1.31 17.96
C PRO A 82 -18.72 0.66 16.62
N GLY A 83 -19.28 -0.52 16.36
CA GLY A 83 -18.97 -1.19 15.11
C GLY A 83 -17.93 -2.30 15.25
N ASP A 84 -17.08 -2.22 16.27
CA ASP A 84 -16.07 -3.26 16.48
C ASP A 84 -16.72 -4.49 17.10
N VAL A 85 -16.18 -5.66 16.77
CA VAL A 85 -16.68 -6.92 17.32
C VAL A 85 -15.46 -7.73 17.71
N ASN A 86 -15.35 -8.07 19.00
CA ASN A 86 -14.19 -8.83 19.48
C ASN A 86 -14.10 -10.15 18.73
N GLY A 87 -12.89 -10.49 18.29
CA GLY A 87 -12.66 -11.71 17.54
C GLY A 87 -11.82 -11.38 16.33
N PRO A 88 -11.34 -12.40 15.58
CA PRO A 88 -10.51 -12.21 14.38
C PRO A 88 -11.27 -11.98 13.08
N ARG A 89 -12.60 -11.93 13.16
CA ARG A 89 -13.42 -11.75 11.95
C ARG A 89 -13.37 -10.32 11.40
N ASP A 90 -13.33 -10.22 10.08
CA ASP A 90 -13.28 -8.93 9.39
C ASP A 90 -14.68 -8.36 9.19
N THR A 91 -14.98 -7.30 9.93
CA THR A 91 -16.29 -6.66 9.81
C THR A 91 -16.16 -5.39 8.97
N ASN A 92 -14.92 -4.99 8.69
CA ASN A 92 -14.65 -3.80 7.89
C ASN A 92 -14.61 -4.12 6.39
N GLY A 93 -13.86 -5.16 6.04
CA GLY A 93 -13.73 -5.58 4.65
C GLY A 93 -12.33 -5.40 4.07
N HIS A 94 -11.59 -4.44 4.60
CA HIS A 94 -10.24 -4.12 4.14
C HIS A 94 -9.28 -5.31 4.16
N GLY A 95 -9.24 -6.03 5.29
CA GLY A 95 -8.34 -7.17 5.42
C GLY A 95 -8.67 -8.35 4.50
N THR A 96 -9.95 -8.53 4.20
CA THR A 96 -10.37 -9.61 3.31
C THR A 96 -9.93 -9.25 1.89
N HIS A 97 -10.06 -7.97 1.56
CA HIS A 97 -9.68 -7.48 0.24
C HIS A 97 -8.16 -7.61 0.03
N THR A 98 -7.35 -7.12 0.97
CA THR A 98 -5.90 -7.20 0.81
C THR A 98 -5.40 -8.66 0.86
N ALA A 99 -5.95 -9.46 1.76
CA ALA A 99 -5.53 -10.87 1.84
C ALA A 99 -5.81 -11.61 0.54
N SER A 100 -6.97 -11.36 -0.06
CA SER A 100 -7.33 -12.03 -1.32
C SER A 100 -6.49 -11.51 -2.48
N THR A 101 -6.00 -10.27 -2.39
CA THR A 101 -5.18 -9.71 -3.45
C THR A 101 -3.81 -10.37 -3.42
N ALA A 102 -3.30 -10.62 -2.21
CA ALA A 102 -2.01 -11.27 -2.06
C ALA A 102 -2.04 -12.79 -2.30
N ALA A 103 -3.04 -13.48 -1.74
CA ALA A 103 -3.10 -14.93 -1.86
C ALA A 103 -4.48 -15.54 -2.06
N GLY A 104 -5.39 -14.79 -2.67
CA GLY A 104 -6.72 -15.32 -2.90
C GLY A 104 -6.69 -16.42 -3.94
N GLY A 105 -7.57 -17.41 -3.81
CA GLY A 105 -7.63 -18.48 -4.79
C GLY A 105 -8.31 -17.94 -6.03
N LEU A 106 -8.28 -18.70 -7.13
CA LEU A 106 -8.93 -18.24 -8.34
C LEU A 106 -10.45 -18.33 -8.17
N VAL A 107 -11.13 -17.23 -8.47
CA VAL A 107 -12.58 -17.18 -8.39
C VAL A 107 -13.10 -16.64 -9.72
N SER A 108 -13.74 -17.50 -10.51
CA SER A 108 -14.26 -17.07 -11.80
C SER A 108 -15.55 -16.27 -11.62
N GLN A 109 -15.93 -15.53 -12.65
CA GLN A 109 -17.13 -14.70 -12.63
C GLN A 109 -17.11 -13.67 -11.50
N ALA A 110 -15.91 -13.32 -11.03
CA ALA A 110 -15.78 -12.33 -9.97
C ALA A 110 -16.24 -10.99 -10.53
N ASN A 111 -17.08 -10.28 -9.78
CA ASN A 111 -17.62 -9.01 -10.25
C ASN A 111 -18.30 -8.23 -9.14
N LEU A 112 -18.55 -6.94 -9.40
CA LEU A 112 -19.26 -6.05 -8.49
C LEU A 112 -20.40 -5.55 -9.37
N TYR A 113 -21.56 -6.21 -9.31
CA TYR A 113 -22.70 -5.86 -10.14
C TYR A 113 -22.32 -5.85 -11.61
N GLY A 114 -21.49 -6.83 -12.00
CA GLY A 114 -21.06 -6.93 -13.38
C GLY A 114 -19.76 -6.20 -13.68
N LEU A 115 -19.42 -5.21 -12.87
CA LEU A 115 -18.19 -4.43 -13.08
C LEU A 115 -16.92 -5.25 -12.84
N GLY A 116 -15.98 -5.15 -13.75
CA GLY A 116 -14.71 -5.87 -13.63
C GLY A 116 -14.81 -7.38 -13.79
N LEU A 117 -15.86 -7.83 -14.45
CA LEU A 117 -16.09 -9.26 -14.65
C LEU A 117 -14.89 -10.04 -15.17
N GLY A 118 -14.53 -11.11 -14.47
CA GLY A 118 -13.40 -11.93 -14.86
C GLY A 118 -13.00 -12.92 -13.77
N THR A 119 -11.76 -13.39 -13.81
CA THR A 119 -11.28 -14.32 -12.79
C THR A 119 -10.39 -13.58 -11.78
N ALA A 120 -10.88 -13.43 -10.56
CA ALA A 120 -10.11 -12.75 -9.53
C ALA A 120 -9.15 -13.75 -8.91
N ARG A 121 -8.06 -13.24 -8.34
CA ARG A 121 -7.08 -14.11 -7.70
C ARG A 121 -5.94 -13.30 -7.12
N GLY A 122 -5.15 -13.95 -6.25
CA GLY A 122 -4.00 -13.31 -5.65
C GLY A 122 -2.74 -13.79 -6.35
N GLY A 123 -1.59 -13.29 -5.91
CA GLY A 123 -0.32 -13.68 -6.51
C GLY A 123 0.03 -15.14 -6.29
N VAL A 124 -0.25 -15.64 -5.09
CA VAL A 124 0.03 -17.03 -4.74
C VAL A 124 -1.22 -17.76 -4.24
N PRO A 125 -2.07 -18.23 -5.17
CA PRO A 125 -3.32 -18.94 -4.86
C PRO A 125 -3.19 -20.16 -3.94
N LEU A 126 -2.03 -20.81 -3.94
CA LEU A 126 -1.82 -22.00 -3.12
C LEU A 126 -1.23 -21.76 -1.73
N ALA A 127 -0.80 -20.53 -1.46
CA ALA A 127 -0.21 -20.21 -0.17
C ALA A 127 -1.20 -20.19 0.98
N ARG A 128 -0.70 -20.44 2.19
CA ARG A 128 -1.54 -20.43 3.38
C ARG A 128 -1.60 -18.97 3.82
N ILE A 129 -2.63 -18.64 4.61
CA ILE A 129 -2.81 -17.28 5.12
C ILE A 129 -2.97 -17.32 6.63
N ALA A 130 -2.30 -16.41 7.31
CA ALA A 130 -2.40 -16.28 8.76
C ALA A 130 -2.80 -14.83 8.99
N ALA A 131 -4.03 -14.62 9.46
CA ALA A 131 -4.53 -13.27 9.68
C ALA A 131 -4.33 -12.77 11.11
N TYR A 132 -3.86 -11.53 11.24
CA TYR A 132 -3.64 -10.90 12.53
C TYR A 132 -4.40 -9.58 12.50
N LYS A 133 -5.51 -9.52 13.24
CA LYS A 133 -6.34 -8.33 13.28
C LYS A 133 -5.79 -7.30 14.25
N VAL A 134 -5.26 -6.21 13.71
CA VAL A 134 -4.67 -5.15 14.53
C VAL A 134 -5.30 -3.78 14.25
N CYS A 135 -6.27 -3.74 13.34
CA CYS A 135 -6.92 -2.49 12.98
C CYS A 135 -8.40 -2.48 13.33
N TRP A 136 -8.82 -1.43 14.02
CA TRP A 136 -10.20 -1.30 14.45
C TRP A 136 -10.77 0.07 14.07
N ASN A 137 -12.01 0.35 14.48
CA ASN A 137 -12.63 1.62 14.13
C ASN A 137 -11.92 2.87 14.66
N ASP A 138 -11.03 2.71 15.64
CA ASP A 138 -10.29 3.86 16.16
C ASP A 138 -8.85 3.83 15.63
N GLY A 139 -8.59 2.95 14.67
CA GLY A 139 -7.26 2.85 14.08
C GLY A 139 -6.52 1.58 14.44
N CYS A 140 -5.22 1.55 14.16
CA CYS A 140 -4.36 0.41 14.44
C CYS A 140 -3.26 0.88 15.41
N SER A 141 -3.40 0.55 16.69
CA SER A 141 -2.43 1.02 17.69
C SER A 141 -1.04 0.38 17.62
N ASP A 142 -0.04 1.13 18.06
CA ASP A 142 1.33 0.66 18.10
C ASP A 142 1.41 -0.63 18.91
N THR A 143 0.69 -0.67 20.03
CA THR A 143 0.70 -1.84 20.90
C THR A 143 0.24 -3.13 20.23
N ASP A 144 -0.83 -3.04 19.42
CA ASP A 144 -1.36 -4.23 18.75
C ASP A 144 -0.49 -4.67 17.57
N ILE A 145 0.08 -3.71 16.86
CA ILE A 145 0.94 -4.04 15.74
C ILE A 145 2.13 -4.84 16.27
N LEU A 146 2.71 -4.39 17.38
CA LEU A 146 3.84 -5.09 17.99
C LEU A 146 3.41 -6.47 18.51
N ALA A 147 2.21 -6.55 19.07
CA ALA A 147 1.71 -7.83 19.58
C ALA A 147 1.62 -8.83 18.43
N ALA A 148 1.11 -8.38 17.29
CA ALA A 148 0.97 -9.22 16.10
C ALA A 148 2.35 -9.65 15.59
N TYR A 149 3.30 -8.73 15.55
CA TYR A 149 4.65 -9.09 15.08
C TYR A 149 5.31 -10.12 15.99
N ASP A 150 5.18 -9.94 17.29
CA ASP A 150 5.80 -10.89 18.22
C ASP A 150 5.30 -12.31 17.99
N ASP A 151 4.00 -12.46 17.74
CA ASP A 151 3.44 -13.79 17.48
C ASP A 151 3.74 -14.28 16.06
N ALA A 152 3.51 -13.44 15.06
CA ALA A 152 3.74 -13.81 13.66
C ALA A 152 5.13 -14.35 13.40
N ILE A 153 6.14 -13.67 13.92
CA ILE A 153 7.54 -14.10 13.73
C ILE A 153 7.75 -15.48 14.33
N ALA A 154 7.27 -15.67 15.55
CA ALA A 154 7.42 -16.94 16.25
C ALA A 154 6.50 -18.02 15.69
N ASP A 155 5.33 -17.62 15.20
CA ASP A 155 4.37 -18.58 14.63
C ASP A 155 4.91 -19.29 13.39
N GLY A 156 5.77 -18.62 12.64
CA GLY A 156 6.33 -19.23 11.45
C GLY A 156 5.91 -18.65 10.11
N VAL A 157 5.42 -17.42 10.06
CA VAL A 157 5.02 -16.83 8.79
C VAL A 157 6.30 -16.64 7.97
N ASP A 158 6.18 -16.67 6.65
CA ASP A 158 7.34 -16.53 5.77
C ASP A 158 7.49 -15.13 5.23
N ILE A 159 6.41 -14.37 5.29
CA ILE A 159 6.43 -13.01 4.80
C ILE A 159 5.23 -12.28 5.41
N ILE A 160 5.35 -10.97 5.55
CA ILE A 160 4.26 -10.18 6.14
C ILE A 160 3.75 -9.09 5.21
N SER A 161 2.42 -8.98 5.13
CA SER A 161 1.78 -7.97 4.29
C SER A 161 1.18 -6.95 5.27
N LEU A 162 1.64 -5.70 5.19
CA LEU A 162 1.17 -4.65 6.11
C LEU A 162 0.67 -3.39 5.39
N SER A 163 -0.64 -3.35 5.13
CA SER A 163 -1.26 -2.21 4.44
C SER A 163 -1.69 -1.14 5.44
N VAL A 164 -0.82 -0.84 6.39
N VAL A 164 -0.82 -0.86 6.39
CA VAL A 164 -1.13 0.17 7.39
CA VAL A 164 -1.09 0.12 7.44
C VAL A 164 0.13 0.99 7.65
C VAL A 164 0.16 0.96 7.69
N GLY A 165 -0.03 2.19 8.18
CA GLY A 165 1.11 3.02 8.45
C GLY A 165 0.78 4.25 9.29
N GLY A 166 1.81 4.87 9.83
CA GLY A 166 1.62 6.07 10.64
C GLY A 166 1.47 7.28 9.73
N ALA A 167 0.89 8.34 10.26
CA ALA A 167 0.70 9.55 9.48
C ALA A 167 1.95 10.42 9.47
N ASN A 168 2.75 10.35 10.53
CA ASN A 168 3.97 11.15 10.64
C ASN A 168 5.24 10.34 10.86
N PRO A 169 6.38 10.81 10.31
CA PRO A 169 7.66 10.13 10.44
C PRO A 169 8.19 10.10 11.87
N ARG A 170 8.68 8.93 12.28
CA ARG A 170 9.23 8.76 13.63
C ARG A 170 10.55 8.01 13.48
N HIS A 171 11.44 8.18 14.46
N HIS A 171 11.46 8.21 14.43
CA HIS A 171 12.72 7.50 14.47
CA HIS A 171 12.73 7.50 14.35
C HIS A 171 12.44 5.99 14.52
C HIS A 171 12.46 6.02 14.51
N TYR A 172 13.23 5.20 13.80
CA TYR A 172 13.04 3.76 13.77
C TYR A 172 12.79 3.04 15.09
N PHE A 173 13.55 3.35 16.12
CA PHE A 173 13.35 2.62 17.35
C PHE A 173 12.37 3.16 18.39
N VAL A 174 11.47 4.02 17.91
CA VAL A 174 10.37 4.55 18.70
C VAL A 174 9.17 4.53 17.76
N ASP A 175 9.18 3.56 16.85
CA ASP A 175 8.13 3.36 15.86
C ASP A 175 7.77 1.87 15.85
N ALA A 176 6.53 1.53 16.20
CA ALA A 176 6.11 0.14 16.26
C ALA A 176 6.34 -0.67 14.96
N ILE A 177 5.97 -0.10 13.82
CA ILE A 177 6.15 -0.81 12.55
C ILE A 177 7.63 -1.04 12.24
N ALA A 178 8.47 -0.02 12.46
CA ALA A 178 9.90 -0.16 12.20
C ALA A 178 10.51 -1.23 13.11
N ILE A 179 10.11 -1.23 14.38
CA ILE A 179 10.61 -2.19 15.36
C ILE A 179 10.18 -3.63 15.04
N GLY A 180 8.89 -3.81 14.77
CA GLY A 180 8.39 -5.14 14.46
C GLY A 180 9.02 -5.72 13.20
N SER A 181 9.06 -4.93 12.13
CA SER A 181 9.63 -5.39 10.87
C SER A 181 11.13 -5.67 11.00
N PHE A 182 11.83 -4.90 11.84
CA PHE A 182 13.25 -5.12 12.03
C PHE A 182 13.50 -6.52 12.62
N HIS A 183 12.74 -6.85 13.65
CA HIS A 183 12.90 -8.16 14.26
C HIS A 183 12.43 -9.27 13.33
N ALA A 184 11.49 -8.94 12.45
CA ALA A 184 11.02 -9.95 11.50
C ALA A 184 12.16 -10.22 10.52
N VAL A 185 12.83 -9.16 10.10
CA VAL A 185 13.94 -9.26 9.17
C VAL A 185 15.11 -10.10 9.73
N GLU A 186 15.38 -9.96 11.03
CA GLU A 186 16.47 -10.74 11.61
C GLU A 186 16.14 -12.23 11.64
N ARG A 187 14.87 -12.56 11.41
CA ARG A 187 14.42 -13.94 11.36
C ARG A 187 14.15 -14.34 9.90
N GLY A 188 14.59 -13.49 8.97
CA GLY A 188 14.41 -13.76 7.55
C GLY A 188 13.03 -13.53 7.00
N ILE A 189 12.24 -12.67 7.65
CA ILE A 189 10.88 -12.39 7.20
C ILE A 189 10.73 -10.96 6.68
N LEU A 190 10.38 -10.83 5.40
CA LEU A 190 10.22 -9.52 4.78
C LEU A 190 8.82 -8.95 5.03
N THR A 191 8.75 -7.63 5.12
CA THR A 191 7.48 -6.94 5.28
C THR A 191 7.24 -6.04 4.08
N SER A 192 6.11 -6.22 3.40
CA SER A 192 5.73 -5.36 2.27
C SER A 192 4.82 -4.33 2.96
N ASN A 193 5.12 -3.04 2.82
CA ASN A 193 4.35 -1.99 3.49
C ASN A 193 3.88 -0.90 2.52
N SER A 194 2.63 -0.49 2.65
CA SER A 194 2.07 0.55 1.79
C SER A 194 2.75 1.88 2.13
N ALA A 195 3.00 2.70 1.12
CA ALA A 195 3.67 3.99 1.30
C ALA A 195 2.82 5.06 1.98
N GLY A 196 1.49 4.91 1.91
CA GLY A 196 0.60 5.88 2.50
C GLY A 196 -0.21 6.60 1.43
N ASN A 197 -1.35 7.18 1.79
CA ASN A 197 -2.18 7.87 0.81
C ASN A 197 -2.22 9.38 1.05
N GLY A 198 -1.09 9.97 1.45
CA GLY A 198 -1.04 11.40 1.72
C GLY A 198 -0.44 12.26 0.63
N GLY A 199 -0.31 11.72 -0.58
CA GLY A 199 0.26 12.47 -1.70
C GLY A 199 -0.65 13.54 -2.27
N PRO A 200 -0.25 14.24 -3.35
CA PRO A 200 1.01 14.09 -4.09
C PRO A 200 2.23 14.91 -3.65
N ASN A 201 2.13 15.65 -2.55
CA ASN A 201 3.26 16.46 -2.10
C ASN A 201 4.47 15.68 -1.59
N PHE A 202 5.66 16.27 -1.76
CA PHE A 202 6.91 15.67 -1.31
C PHE A 202 6.86 15.48 0.21
N PHE A 203 7.64 14.53 0.72
CA PHE A 203 7.70 14.27 2.15
C PHE A 203 6.39 13.87 2.83
N THR A 204 5.59 13.03 2.19
CA THR A 204 4.32 12.61 2.80
C THR A 204 4.31 11.15 3.29
N THR A 205 5.31 10.36 2.89
CA THR A 205 5.34 8.96 3.32
C THR A 205 6.04 8.77 4.68
N ALA A 206 5.52 7.83 5.45
CA ALA A 206 6.06 7.49 6.77
C ALA A 206 6.69 6.08 6.78
N SER A 207 6.69 5.42 5.63
CA SER A 207 7.29 4.08 5.52
C SER A 207 8.73 4.40 5.17
N LEU A 208 9.57 4.56 6.20
CA LEU A 208 10.95 4.96 6.00
C LEU A 208 12.06 3.95 6.30
N SER A 209 11.78 2.92 7.08
CA SER A 209 12.82 1.93 7.40
C SER A 209 13.45 1.35 6.14
N PRO A 210 14.78 1.27 6.09
CA PRO A 210 15.46 0.72 4.91
C PRO A 210 15.15 -0.75 4.72
N TRP A 211 14.86 -1.46 5.81
CA TRP A 211 14.57 -2.88 5.74
C TRP A 211 13.15 -3.20 5.26
N LEU A 212 12.30 -2.19 5.22
CA LEU A 212 10.92 -2.37 4.77
C LEU A 212 10.86 -2.26 3.25
N LEU A 213 9.95 -2.98 2.61
CA LEU A 213 9.78 -2.84 1.16
C LEU A 213 8.55 -1.92 1.08
N SER A 214 8.80 -0.64 0.77
CA SER A 214 7.75 0.38 0.69
C SER A 214 7.16 0.49 -0.71
N VAL A 215 5.83 0.40 -0.80
CA VAL A 215 5.11 0.38 -2.06
C VAL A 215 4.17 1.53 -2.41
N ALA A 216 4.35 2.10 -3.60
CA ALA A 216 3.52 3.19 -4.09
C ALA A 216 2.37 2.61 -4.88
N ALA A 217 1.39 3.44 -5.23
CA ALA A 217 0.24 2.95 -5.99
C ALA A 217 0.16 3.58 -7.38
N SER A 218 0.02 2.74 -8.41
CA SER A 218 -0.10 3.24 -9.77
C SER A 218 -1.33 2.69 -10.49
N THR A 219 -1.67 3.30 -11.61
CA THR A 219 -2.81 2.93 -12.42
C THR A 219 -2.53 1.72 -13.32
N MET A 220 -3.58 1.10 -13.84
CA MET A 220 -3.45 -0.03 -14.75
C MET A 220 -4.14 0.44 -16.04
N ASP A 221 -4.10 -0.34 -17.11
CA ASP A 221 -4.72 0.11 -18.36
C ASP A 221 -6.24 0.26 -18.28
N ARG A 222 -6.91 -0.66 -17.59
CA ARG A 222 -8.35 -0.58 -17.43
C ARG A 222 -8.70 0.61 -16.53
N LYS A 223 -9.67 1.42 -16.97
CA LYS A 223 -10.08 2.57 -16.17
C LYS A 223 -11.61 2.64 -16.14
N PHE A 224 -12.19 2.67 -14.95
CA PHE A 224 -13.65 2.76 -14.86
C PHE A 224 -14.12 4.18 -15.09
N VAL A 225 -15.15 4.31 -15.92
CA VAL A 225 -15.72 5.61 -16.22
C VAL A 225 -17.23 5.48 -16.09
N THR A 226 -17.91 6.62 -15.95
CA THR A 226 -19.35 6.63 -15.82
C THR A 226 -19.91 7.71 -16.74
N GLN A 227 -20.42 7.28 -17.89
CA GLN A 227 -20.96 8.21 -18.87
C GLN A 227 -22.23 8.86 -18.35
N VAL A 228 -22.38 10.14 -18.66
CA VAL A 228 -23.56 10.91 -18.26
C VAL A 228 -24.07 11.58 -19.53
N GLN A 229 -25.32 11.35 -19.87
CA GLN A 229 -25.91 11.96 -21.06
C GLN A 229 -27.04 12.90 -20.66
N ILE A 230 -26.83 14.19 -20.87
CA ILE A 230 -27.88 15.14 -20.53
C ILE A 230 -28.96 15.11 -21.62
N GLY A 231 -30.07 15.78 -21.34
CA GLY A 231 -31.20 15.78 -22.27
C GLY A 231 -30.97 16.20 -23.71
N ASN A 232 -30.03 17.10 -23.96
CA ASN A 232 -29.79 17.56 -25.32
C ASN A 232 -28.93 16.59 -26.11
N GLY A 233 -28.59 15.45 -25.50
CA GLY A 233 -27.79 14.46 -26.19
C GLY A 233 -26.30 14.47 -25.89
N GLN A 234 -25.80 15.56 -25.33
CA GLN A 234 -24.37 15.63 -25.02
C GLN A 234 -24.00 14.52 -24.04
N SER A 235 -22.86 13.88 -24.29
CA SER A 235 -22.39 12.78 -23.44
C SER A 235 -21.04 13.11 -22.81
N PHE A 236 -20.98 13.06 -21.48
CA PHE A 236 -19.76 13.37 -20.75
C PHE A 236 -19.15 12.13 -20.08
N GLN A 237 -17.83 12.04 -20.10
CA GLN A 237 -17.14 10.91 -19.49
C GLN A 237 -16.73 11.26 -18.06
N GLY A 238 -17.52 10.81 -17.10
CA GLY A 238 -17.22 11.08 -15.70
C GLY A 238 -16.50 9.89 -15.09
N VAL A 239 -16.17 9.99 -13.81
N VAL A 239 -16.17 9.99 -13.81
CA VAL A 239 -15.47 8.93 -13.11
CA VAL A 239 -15.48 8.91 -13.12
C VAL A 239 -16.15 8.55 -11.79
C VAL A 239 -16.17 8.54 -11.81
N SER A 240 -16.39 7.25 -11.61
CA SER A 240 -17.01 6.71 -10.41
C SER A 240 -17.21 5.21 -10.60
N ILE A 241 -17.47 4.50 -9.51
CA ILE A 241 -17.74 3.07 -9.57
C ILE A 241 -19.25 3.07 -9.34
N ASN A 242 -19.99 3.15 -10.44
CA ASN A 242 -21.45 3.24 -10.42
C ASN A 242 -22.13 1.94 -10.81
N THR A 243 -22.70 1.26 -9.82
CA THR A 243 -23.35 -0.03 -10.05
C THR A 243 -24.82 0.06 -10.44
N PHE A 244 -25.43 1.23 -10.28
CA PHE A 244 -26.85 1.44 -10.60
C PHE A 244 -27.17 1.45 -12.10
N ASP A 245 -28.29 0.85 -12.48
CA ASP A 245 -28.69 0.81 -13.88
C ASP A 245 -29.12 2.19 -14.36
N ASN A 246 -28.97 2.43 -15.67
CA ASN A 246 -29.32 3.72 -16.28
C ASN A 246 -30.78 4.11 -16.07
N GLN A 247 -31.02 5.40 -15.88
CA GLN A 247 -32.38 5.93 -15.71
C GLN A 247 -32.43 7.45 -15.84
N TYR A 248 -33.38 7.95 -16.63
CA TYR A 248 -33.56 9.38 -16.87
C TYR A 248 -34.30 10.10 -15.75
N TYR A 249 -33.67 11.15 -15.22
CA TYR A 249 -34.29 11.93 -14.14
C TYR A 249 -34.19 13.43 -14.39
N PRO A 250 -35.07 14.21 -13.75
CA PRO A 250 -35.06 15.67 -13.92
C PRO A 250 -33.73 16.15 -13.35
N LEU A 251 -33.19 17.22 -13.93
CA LEU A 251 -31.91 17.75 -13.49
C LEU A 251 -32.09 19.09 -12.76
N VAL A 252 -31.28 19.33 -11.73
CA VAL A 252 -31.35 20.58 -10.97
C VAL A 252 -29.99 21.02 -10.44
N SER A 253 -29.75 22.32 -10.41
CA SER A 253 -28.48 22.87 -9.95
C SER A 253 -28.55 23.32 -8.49
N GLY A 254 -27.52 23.01 -7.72
CA GLY A 254 -27.49 23.41 -6.32
C GLY A 254 -27.60 24.91 -6.19
N ARG A 255 -27.11 25.62 -7.21
CA ARG A 255 -27.14 27.07 -7.24
C ARG A 255 -28.56 27.62 -7.19
N ASP A 256 -29.51 26.90 -7.79
CA ASP A 256 -30.89 27.36 -7.86
C ASP A 256 -31.82 26.83 -6.77
N ILE A 257 -31.28 26.06 -5.83
CA ILE A 257 -32.09 25.51 -4.75
C ILE A 257 -31.42 25.67 -3.38
N PRO A 258 -30.98 26.90 -3.05
CA PRO A 258 -30.33 27.14 -1.76
C PRO A 258 -31.25 26.82 -0.59
N ASN A 259 -30.67 26.25 0.46
CA ASN A 259 -31.43 25.89 1.65
C ASN A 259 -31.65 27.14 2.50
N THR A 260 -32.57 27.05 3.45
CA THR A 260 -32.87 28.18 4.34
C THR A 260 -31.61 28.76 4.98
N GLY A 261 -31.42 30.07 4.84
CA GLY A 261 -30.26 30.72 5.41
C GLY A 261 -29.03 30.64 4.53
N PHE A 262 -29.18 29.99 3.37
CA PHE A 262 -28.08 29.84 2.43
C PHE A 262 -28.38 30.57 1.12
N ASP A 263 -27.34 30.77 0.32
CA ASP A 263 -27.49 31.44 -0.96
C ASP A 263 -26.60 30.78 -2.00
N LYS A 264 -26.79 31.14 -3.26
CA LYS A 264 -26.02 30.58 -4.37
C LYS A 264 -24.53 30.45 -4.12
N SER A 265 -23.98 31.39 -3.35
CA SER A 265 -22.55 31.39 -3.03
C SER A 265 -22.05 30.07 -2.45
N THR A 266 -22.88 29.42 -1.64
CA THR A 266 -22.47 28.16 -1.02
C THR A 266 -23.30 26.96 -1.47
N SER A 267 -24.57 27.18 -1.77
CA SER A 267 -25.46 26.09 -2.20
C SER A 267 -24.94 25.42 -3.47
N ARG A 268 -24.11 26.13 -4.23
CA ARG A 268 -23.54 25.59 -5.46
C ARG A 268 -22.68 24.36 -5.18
N PHE A 269 -22.21 24.23 -3.94
CA PHE A 269 -21.35 23.10 -3.57
C PHE A 269 -22.12 21.91 -3.00
N CYS A 270 -23.37 22.15 -2.58
CA CYS A 270 -24.22 21.10 -2.03
C CYS A 270 -23.85 20.60 -0.63
N THR A 271 -22.68 20.99 -0.14
CA THR A 271 -22.23 20.54 1.17
C THR A 271 -22.87 21.25 2.36
N ASP A 272 -22.70 20.65 3.54
CA ASP A 272 -23.23 21.18 4.80
C ASP A 272 -24.70 21.59 4.76
N LYS A 273 -25.53 20.76 4.15
CA LYS A 273 -26.97 21.01 4.07
C LYS A 273 -27.31 22.37 3.45
N SER A 274 -26.57 22.77 2.42
CA SER A 274 -26.82 24.06 1.79
C SER A 274 -27.89 24.01 0.71
N VAL A 275 -28.38 22.81 0.38
CA VAL A 275 -29.40 22.67 -0.65
C VAL A 275 -30.76 22.26 -0.06
N ASN A 276 -31.81 22.87 -0.57
CA ASN A 276 -33.18 22.60 -0.12
C ASN A 276 -33.60 21.16 -0.41
N PRO A 277 -33.82 20.37 0.65
CA PRO A 277 -34.22 18.96 0.54
C PRO A 277 -35.52 18.74 -0.24
N ASN A 278 -36.38 19.76 -0.26
CA ASN A 278 -37.66 19.66 -0.96
C ASN A 278 -37.55 19.86 -2.46
N LEU A 279 -36.54 20.60 -2.90
CA LEU A 279 -36.36 20.88 -4.31
C LEU A 279 -35.47 19.90 -5.08
N LEU A 280 -34.92 18.91 -4.38
CA LEU A 280 -34.07 17.93 -5.04
C LEU A 280 -34.57 16.49 -4.93
N LYS A 281 -35.75 16.30 -4.34
CA LYS A 281 -36.30 14.97 -4.19
C LYS A 281 -36.62 14.38 -5.56
N GLY A 282 -36.05 13.21 -5.83
CA GLY A 282 -36.28 12.53 -7.11
C GLY A 282 -35.56 13.14 -8.29
N LYS A 283 -34.57 13.98 -8.02
CA LYS A 283 -33.82 14.62 -9.10
C LYS A 283 -32.31 14.41 -8.99
N ILE A 284 -31.61 14.68 -10.09
CA ILE A 284 -30.16 14.57 -10.12
C ILE A 284 -29.68 15.99 -9.87
N VAL A 285 -28.92 16.17 -8.80
CA VAL A 285 -28.43 17.49 -8.45
C VAL A 285 -27.00 17.69 -8.92
N VAL A 286 -26.73 18.88 -9.47
CA VAL A 286 -25.42 19.23 -9.96
C VAL A 286 -24.67 19.99 -8.88
N CYS A 287 -23.52 19.46 -8.48
CA CYS A 287 -22.72 20.07 -7.42
C CYS A 287 -21.33 20.44 -7.92
N GLU A 288 -20.93 21.68 -7.67
CA GLU A 288 -19.64 22.18 -8.11
C GLU A 288 -18.50 21.81 -7.17
N ALA A 289 -18.59 20.63 -6.57
CA ALA A 289 -17.57 20.12 -5.66
C ALA A 289 -17.62 18.59 -5.67
N SER A 290 -16.71 17.96 -4.93
CA SER A 290 -16.69 16.51 -4.85
C SER A 290 -16.60 16.09 -3.39
N PHE A 291 -17.34 15.06 -3.03
CA PHE A 291 -17.36 14.58 -1.65
C PHE A 291 -17.65 13.09 -1.57
N GLY A 292 -17.54 12.52 -0.37
CA GLY A 292 -17.77 11.11 -0.18
C GLY A 292 -19.17 10.68 0.26
N PRO A 293 -19.38 9.37 0.47
CA PRO A 293 -20.65 8.77 0.88
C PRO A 293 -21.31 9.44 2.09
N HIS A 294 -20.50 9.91 3.02
CA HIS A 294 -21.03 10.55 4.22
C HIS A 294 -21.85 11.79 3.88
N GLU A 295 -21.32 12.62 2.99
CA GLU A 295 -21.99 13.85 2.59
C GLU A 295 -23.32 13.55 1.89
N PHE A 296 -23.39 12.46 1.14
CA PHE A 296 -24.62 12.10 0.45
C PHE A 296 -25.74 11.97 1.48
N PHE A 297 -25.45 11.24 2.56
CA PHE A 297 -26.43 11.03 3.63
C PHE A 297 -26.73 12.31 4.39
N LYS A 298 -25.71 13.13 4.60
CA LYS A 298 -25.85 14.37 5.36
C LYS A 298 -26.60 15.52 4.67
N SER A 299 -26.40 15.69 3.37
CA SER A 299 -27.04 16.80 2.67
C SER A 299 -27.89 16.48 1.45
N LEU A 300 -27.79 15.27 0.91
CA LEU A 300 -28.53 14.95 -0.30
C LEU A 300 -29.63 13.90 -0.19
N ASP A 301 -30.16 13.69 1.00
CA ASP A 301 -31.22 12.70 1.18
C ASP A 301 -32.44 13.04 0.33
N GLY A 302 -32.89 12.07 -0.48
CA GLY A 302 -34.04 12.28 -1.32
C GLY A 302 -33.71 12.33 -2.81
N ALA A 303 -32.50 12.77 -3.13
CA ALA A 303 -32.05 12.87 -4.52
C ALA A 303 -31.98 11.52 -5.23
N ALA A 304 -32.21 11.54 -6.53
CA ALA A 304 -32.15 10.33 -7.35
C ALA A 304 -30.71 10.11 -7.84
N GLY A 305 -29.95 11.20 -7.92
CA GLY A 305 -28.57 11.09 -8.39
C GLY A 305 -27.77 12.33 -8.06
N VAL A 306 -26.45 12.24 -8.24
CA VAL A 306 -25.58 13.36 -7.95
C VAL A 306 -24.45 13.47 -8.97
N LEU A 307 -24.24 14.67 -9.48
CA LEU A 307 -23.16 14.93 -10.41
C LEU A 307 -22.21 15.85 -9.69
N MET A 308 -20.96 15.42 -9.53
CA MET A 308 -19.96 16.21 -8.85
C MET A 308 -18.86 16.62 -9.84
N THR A 309 -17.87 17.36 -9.36
CA THR A 309 -16.76 17.79 -10.21
C THR A 309 -15.46 17.90 -9.43
N SER A 310 -14.36 17.71 -10.16
CA SER A 310 -13.03 17.80 -9.57
C SER A 310 -11.98 17.87 -10.66
N ASN A 311 -10.84 18.47 -10.34
CA ASN A 311 -9.71 18.59 -11.27
C ASN A 311 -8.89 17.31 -11.23
N THR A 312 -9.09 16.53 -10.16
CA THR A 312 -8.37 15.28 -9.97
C THR A 312 -9.33 14.10 -10.03
N ARG A 313 -9.22 13.34 -11.11
CA ARG A 313 -10.08 12.18 -11.34
C ARG A 313 -9.28 10.99 -11.86
N ASP A 314 -8.12 10.73 -11.27
CA ASP A 314 -7.32 9.61 -11.73
C ASP A 314 -7.63 8.25 -11.06
N TYR A 315 -8.75 8.21 -10.32
CA TYR A 315 -9.25 6.98 -9.69
C TYR A 315 -10.71 7.20 -9.35
N ALA A 316 -11.50 6.12 -9.37
CA ALA A 316 -12.94 6.19 -9.10
C ALA A 316 -13.36 5.58 -7.76
N ASP A 317 -14.40 6.15 -7.16
CA ASP A 317 -14.96 5.66 -5.90
C ASP A 317 -16.44 5.34 -6.10
N SER A 318 -17.00 4.51 -5.22
CA SER A 318 -18.42 4.16 -5.29
C SER A 318 -19.20 5.11 -4.37
N TYR A 319 -20.49 5.32 -4.66
CA TYR A 319 -21.33 6.21 -3.86
C TYR A 319 -22.69 5.55 -3.58
N PRO A 320 -23.41 6.04 -2.55
CA PRO A 320 -24.73 5.49 -2.18
C PRO A 320 -25.88 5.81 -3.13
N LEU A 321 -25.61 6.60 -4.16
CA LEU A 321 -26.61 6.99 -5.16
C LEU A 321 -25.94 7.04 -6.52
N PRO A 322 -26.73 6.90 -7.60
CA PRO A 322 -26.12 6.98 -8.93
C PRO A 322 -25.34 8.29 -8.96
N SER A 323 -24.09 8.24 -9.40
CA SER A 323 -23.28 9.46 -9.41
C SER A 323 -22.09 9.34 -10.34
N SER A 324 -21.48 10.49 -10.63
CA SER A 324 -20.31 10.56 -11.50
C SER A 324 -19.59 11.88 -11.24
N VAL A 325 -18.27 11.84 -11.25
CA VAL A 325 -17.48 13.04 -11.05
C VAL A 325 -17.06 13.55 -12.42
N LEU A 326 -17.56 14.71 -12.79
CA LEU A 326 -17.27 15.30 -14.09
C LEU A 326 -16.10 16.28 -14.09
N ASP A 327 -15.48 16.45 -15.23
CA ASP A 327 -14.39 17.40 -15.33
C ASP A 327 -15.08 18.76 -15.30
N PRO A 328 -14.39 19.79 -14.79
CA PRO A 328 -14.97 21.14 -14.69
C PRO A 328 -15.66 21.64 -15.96
N ASN A 329 -15.03 21.46 -17.11
CA ASN A 329 -15.62 21.91 -18.36
C ASN A 329 -16.96 21.24 -18.66
N ASP A 330 -17.06 19.94 -18.36
CA ASP A 330 -18.30 19.23 -18.61
C ASP A 330 -19.36 19.69 -17.62
N LEU A 331 -18.93 20.12 -16.43
CA LEU A 331 -19.88 20.61 -15.44
C LEU A 331 -20.47 21.90 -16.00
N LEU A 332 -19.61 22.74 -16.58
CA LEU A 332 -20.04 24.01 -17.16
C LEU A 332 -21.00 23.78 -18.31
N ALA A 333 -20.76 22.74 -19.10
CA ALA A 333 -21.63 22.45 -20.23
C ALA A 333 -23.00 22.04 -19.72
N THR A 334 -23.00 21.32 -18.60
CA THR A 334 -24.25 20.86 -17.98
C THR A 334 -25.08 22.05 -17.51
N LEU A 335 -24.42 23.05 -16.93
CA LEU A 335 -25.13 24.22 -16.46
C LEU A 335 -25.71 25.04 -17.62
N ARG A 336 -24.96 25.14 -18.72
CA ARG A 336 -25.45 25.88 -19.88
C ARG A 336 -26.71 25.19 -20.40
N TYR A 337 -26.69 23.86 -20.37
CA TYR A 337 -27.83 23.07 -20.82
C TYR A 337 -29.04 23.35 -19.92
N ILE A 338 -28.82 23.30 -18.62
CA ILE A 338 -29.88 23.55 -17.65
C ILE A 338 -30.61 24.87 -17.91
N TYR A 339 -29.87 25.89 -18.31
CA TYR A 339 -30.47 27.20 -18.56
C TYR A 339 -30.78 27.44 -20.03
N SER A 340 -30.93 26.37 -20.80
CA SER A 340 -31.23 26.48 -22.23
C SER A 340 -32.60 25.86 -22.51
N ILE A 341 -33.22 25.31 -21.47
CA ILE A 341 -34.52 24.68 -21.62
C ILE A 341 -35.24 24.70 -20.28
N ARG A 342 -36.56 24.66 -20.30
CA ARG A 342 -37.32 24.71 -19.06
C ARG A 342 -37.38 23.45 -18.21
N SER A 343 -37.26 22.27 -18.84
CA SER A 343 -37.29 21.02 -18.09
C SER A 343 -36.12 20.13 -18.43
N PRO A 344 -34.93 20.46 -17.90
CA PRO A 344 -33.72 19.67 -18.16
C PRO A 344 -33.72 18.31 -17.45
N GLY A 345 -32.97 17.37 -18.03
CA GLY A 345 -32.88 16.04 -17.45
C GLY A 345 -31.57 15.40 -17.85
N ALA A 346 -31.29 14.24 -17.28
CA ALA A 346 -30.05 13.54 -17.59
C ALA A 346 -30.17 12.08 -17.20
N THR A 347 -29.25 11.28 -17.75
CA THR A 347 -29.20 9.86 -17.46
C THR A 347 -27.77 9.56 -17.03
N ILE A 348 -27.62 8.86 -15.91
CA ILE A 348 -26.31 8.46 -15.44
C ILE A 348 -26.26 6.98 -15.77
N PHE A 349 -25.29 6.59 -16.58
CA PHE A 349 -25.17 5.19 -16.97
C PHE A 349 -24.37 4.37 -15.98
N LYS A 350 -24.60 3.06 -16.02
CA LYS A 350 -23.87 2.12 -15.17
C LYS A 350 -22.45 2.20 -15.71
N SER A 351 -21.46 2.15 -14.82
CA SER A 351 -20.06 2.26 -15.22
C SER A 351 -19.61 1.28 -16.29
N THR A 352 -18.68 1.75 -17.12
CA THR A 352 -18.08 0.96 -18.18
C THR A 352 -16.58 1.22 -18.04
N THR A 353 -15.78 0.70 -18.97
CA THR A 353 -14.34 0.89 -18.90
C THR A 353 -13.73 1.37 -20.21
N ILE A 354 -12.57 2.01 -20.12
CA ILE A 354 -11.83 2.49 -21.28
C ILE A 354 -10.39 2.06 -21.06
N LEU A 355 -9.57 2.14 -22.11
CA LEU A 355 -8.17 1.76 -21.99
C LEU A 355 -7.33 3.03 -21.90
N ASN A 356 -6.61 3.19 -20.80
CA ASN A 356 -5.77 4.36 -20.65
C ASN A 356 -4.34 3.97 -21.04
N ALA A 357 -3.90 4.44 -22.20
CA ALA A 357 -2.58 4.12 -22.72
C ALA A 357 -1.40 4.65 -21.90
N SER A 358 -1.67 5.60 -21.01
CA SER A 358 -0.60 6.16 -20.19
C SER A 358 -0.16 5.26 -19.05
N ALA A 359 -1.05 4.41 -18.56
CA ALA A 359 -0.74 3.50 -17.44
C ALA A 359 0.50 2.67 -17.71
N PRO A 360 1.32 2.42 -16.68
CA PRO A 360 1.17 2.85 -15.28
C PRO A 360 1.69 4.26 -14.95
N VAL A 361 0.93 4.97 -14.12
CA VAL A 361 1.28 6.30 -13.66
C VAL A 361 0.98 6.32 -12.16
N VAL A 362 1.86 6.91 -11.35
CA VAL A 362 1.60 6.95 -9.91
C VAL A 362 0.38 7.85 -9.70
N VAL A 363 -0.58 7.36 -8.91
CA VAL A 363 -1.82 8.10 -8.68
C VAL A 363 -1.65 9.26 -7.69
N SER A 364 -2.50 10.27 -7.84
CA SER A 364 -2.46 11.47 -7.00
C SER A 364 -2.24 11.28 -5.50
N PHE A 365 -2.99 10.36 -4.88
CA PHE A 365 -2.88 10.16 -3.43
C PHE A 365 -1.67 9.38 -2.91
N SER A 366 -0.97 8.66 -3.77
CA SER A 366 0.19 7.88 -3.33
C SER A 366 1.21 8.79 -2.63
N SER A 367 1.60 8.43 -1.40
CA SER A 367 2.56 9.22 -0.64
C SER A 367 3.94 9.26 -1.27
N ARG A 368 4.58 10.42 -1.21
CA ARG A 368 5.90 10.63 -1.80
C ARG A 368 7.03 10.80 -0.79
N GLY A 369 8.24 10.50 -1.26
CA GLY A 369 9.42 10.67 -0.43
C GLY A 369 9.81 12.12 -0.66
N PRO A 370 11.05 12.55 -0.38
CA PRO A 370 12.20 11.81 0.16
C PRO A 370 11.97 11.22 1.56
N ASN A 371 12.92 10.38 1.97
CA ASN A 371 12.90 9.75 3.27
C ASN A 371 13.19 10.83 4.30
N ARG A 372 12.23 11.10 5.18
CA ARG A 372 12.40 12.13 6.20
C ARG A 372 13.40 11.74 7.29
N ALA A 373 13.58 10.44 7.49
CA ALA A 373 14.53 9.94 8.50
C ALA A 373 15.94 9.83 7.93
N THR A 374 16.09 9.04 6.87
CA THR A 374 17.37 8.83 6.21
C THR A 374 17.24 9.37 4.78
N LYS A 375 17.31 10.69 4.63
CA LYS A 375 17.16 11.34 3.34
C LYS A 375 18.00 10.76 2.20
N ASP A 376 19.05 10.01 2.53
CA ASP A 376 19.90 9.41 1.51
C ASP A 376 19.38 8.08 0.98
N VAL A 377 18.35 7.54 1.64
CA VAL A 377 17.74 6.28 1.21
C VAL A 377 16.40 6.60 0.54
N ILE A 378 16.37 6.44 -0.78
CA ILE A 378 15.18 6.70 -1.57
C ILE A 378 13.95 5.90 -1.14
N LYS A 379 12.81 6.59 -1.04
CA LYS A 379 11.52 5.98 -0.70
C LYS A 379 10.48 6.73 -1.51
N PRO A 380 9.43 6.04 -1.99
CA PRO A 380 9.17 4.61 -1.81
C PRO A 380 10.17 3.79 -2.62
N ASP A 381 10.09 2.47 -2.49
CA ASP A 381 11.01 1.58 -3.18
C ASP A 381 10.55 1.09 -4.55
N ILE A 382 9.23 1.00 -4.73
CA ILE A 382 8.68 0.47 -5.97
C ILE A 382 7.20 0.78 -6.08
N SER A 383 6.63 0.58 -7.26
CA SER A 383 5.21 0.83 -7.47
C SER A 383 4.50 -0.40 -8.04
N GLY A 384 3.19 -0.47 -7.79
CA GLY A 384 2.38 -1.57 -8.28
C GLY A 384 0.92 -1.13 -8.40
N PRO A 385 0.05 -1.95 -9.01
CA PRO A 385 -1.38 -1.63 -9.19
C PRO A 385 -2.09 -1.37 -7.86
N GLY A 386 -2.56 -0.14 -7.67
CA GLY A 386 -3.26 0.20 -6.45
C GLY A 386 -4.50 1.04 -6.73
N VAL A 387 -4.93 1.05 -7.99
CA VAL A 387 -6.09 1.83 -8.39
C VAL A 387 -7.21 0.98 -8.97
N GLU A 388 -8.38 1.05 -8.34
CA GLU A 388 -9.56 0.32 -8.77
C GLU A 388 -9.34 -1.19 -8.85
N ILE A 389 -8.93 -1.76 -7.72
CA ILE A 389 -8.66 -3.20 -7.64
C ILE A 389 -9.88 -3.95 -7.12
N LEU A 390 -10.28 -4.98 -7.87
CA LEU A 390 -11.42 -5.80 -7.48
C LEU A 390 -10.89 -7.03 -6.74
N ALA A 391 -11.37 -7.24 -5.53
CA ALA A 391 -10.94 -8.37 -4.72
C ALA A 391 -12.05 -8.75 -3.75
N ALA A 392 -11.82 -9.78 -2.93
CA ALA A 392 -12.84 -10.27 -2.00
C ALA A 392 -13.41 -9.22 -1.05
N TRP A 393 -14.68 -9.39 -0.70
CA TRP A 393 -15.35 -8.47 0.21
C TRP A 393 -16.40 -9.24 1.01
N PRO A 394 -16.56 -8.93 2.31
CA PRO A 394 -17.56 -9.63 3.11
C PRO A 394 -18.96 -9.30 2.60
N SER A 395 -19.81 -10.30 2.48
CA SER A 395 -21.17 -10.09 1.98
C SER A 395 -22.02 -9.19 2.87
N VAL A 396 -21.49 -8.82 4.03
CA VAL A 396 -22.22 -7.97 4.95
C VAL A 396 -21.63 -6.56 5.12
N ALA A 397 -20.42 -6.36 4.63
CA ALA A 397 -19.76 -5.06 4.74
C ALA A 397 -20.27 -4.10 3.66
N PRO A 398 -20.48 -2.84 4.02
CA PRO A 398 -20.97 -1.85 3.04
C PRO A 398 -19.98 -1.54 1.92
N VAL A 399 -20.54 -1.13 0.78
CA VAL A 399 -19.75 -0.75 -0.38
C VAL A 399 -20.24 0.64 -0.77
N GLY A 400 -19.34 1.61 -0.75
CA GLY A 400 -19.74 2.97 -1.10
C GLY A 400 -20.83 3.50 -0.19
N GLY A 401 -20.80 3.11 1.08
CA GLY A 401 -21.79 3.60 2.03
C GLY A 401 -23.03 2.74 2.25
N ILE A 402 -23.27 1.77 1.39
CA ILE A 402 -24.46 0.92 1.53
C ILE A 402 -24.18 -0.56 1.27
N ARG A 403 -25.06 -1.41 1.80
CA ARG A 403 -24.92 -2.86 1.62
C ARG A 403 -25.37 -3.22 0.22
N ARG A 404 -24.64 -4.11 -0.44
CA ARG A 404 -24.99 -4.53 -1.79
C ARG A 404 -24.80 -6.03 -1.93
N ASN A 405 -25.42 -6.61 -2.95
CA ASN A 405 -25.33 -8.04 -3.23
C ASN A 405 -24.05 -8.36 -3.98
N THR A 406 -22.95 -8.45 -3.26
CA THR A 406 -21.67 -8.74 -3.89
C THR A 406 -20.72 -9.46 -2.95
N LEU A 407 -19.79 -10.20 -3.54
CA LEU A 407 -18.78 -10.91 -2.76
C LEU A 407 -17.43 -10.29 -3.12
N PHE A 408 -17.50 -9.18 -3.86
CA PHE A 408 -16.29 -8.47 -4.29
C PHE A 408 -16.50 -6.96 -4.21
N ASN A 409 -15.40 -6.21 -4.14
CA ASN A 409 -15.47 -4.77 -4.08
C ASN A 409 -14.28 -4.16 -4.83
N ILE A 410 -14.48 -2.96 -5.37
CA ILE A 410 -13.43 -2.26 -6.13
C ILE A 410 -12.96 -1.05 -5.33
N ILE A 411 -11.72 -1.08 -4.86
CA ILE A 411 -11.20 0.05 -4.10
C ILE A 411 -9.76 0.41 -4.49
N SER A 412 -9.33 1.60 -4.08
CA SER A 412 -8.01 2.10 -4.41
C SER A 412 -7.21 2.47 -3.17
N GLY A 413 -5.88 2.47 -3.29
CA GLY A 413 -5.01 2.84 -2.20
C GLY A 413 -3.68 2.13 -2.24
N THR A 414 -2.69 2.65 -1.51
CA THR A 414 -1.40 1.98 -1.48
C THR A 414 -1.62 0.66 -0.73
N SER A 415 -2.76 0.53 -0.05
N SER A 415 -2.77 0.54 -0.05
CA SER A 415 -3.05 -0.71 0.66
CA SER A 415 -3.09 -0.70 0.66
C SER A 415 -3.41 -1.80 -0.35
C SER A 415 -3.41 -1.80 -0.35
N MET A 416 -3.70 -1.40 -1.59
CA MET A 416 -4.03 -2.35 -2.65
C MET A 416 -2.78 -2.76 -3.46
N SER A 417 -1.82 -1.85 -3.57
CA SER A 417 -0.59 -2.17 -4.31
C SER A 417 0.35 -2.98 -3.41
N CYS A 418 0.29 -2.71 -2.11
CA CYS A 418 1.11 -3.43 -1.12
C CYS A 418 0.95 -4.95 -1.26
N PRO A 419 -0.29 -5.48 -1.23
CA PRO A 419 -0.51 -6.93 -1.36
C PRO A 419 -0.17 -7.52 -2.74
N HIS A 420 -0.13 -6.69 -3.78
CA HIS A 420 0.27 -7.21 -5.11
C HIS A 420 1.76 -7.51 -4.95
N ILE A 421 2.50 -6.57 -4.35
CA ILE A 421 3.92 -6.77 -4.13
C ILE A 421 4.16 -7.96 -3.20
N THR A 422 3.30 -8.12 -2.19
CA THR A 422 3.45 -9.25 -1.28
C THR A 422 3.29 -10.56 -2.06
N GLY A 423 2.31 -10.59 -2.96
CA GLY A 423 2.07 -11.78 -3.75
C GLY A 423 3.26 -12.12 -4.64
N ILE A 424 3.83 -11.08 -5.24
CA ILE A 424 4.97 -11.24 -6.14
C ILE A 424 6.23 -11.65 -5.37
N ALA A 425 6.48 -11.00 -4.24
CA ALA A 425 7.64 -11.35 -3.43
C ALA A 425 7.53 -12.82 -3.00
N THR A 426 6.31 -13.26 -2.67
CA THR A 426 6.08 -14.63 -2.24
C THR A 426 6.31 -15.61 -3.40
N TYR A 427 5.87 -15.22 -4.60
CA TYR A 427 6.06 -16.05 -5.79
C TYR A 427 7.57 -16.24 -5.97
N VAL A 428 8.32 -15.15 -5.85
CA VAL A 428 9.78 -15.19 -5.98
C VAL A 428 10.36 -16.14 -4.93
N LYS A 429 9.84 -16.09 -3.71
CA LYS A 429 10.30 -16.95 -2.65
C LYS A 429 10.05 -18.44 -2.96
N THR A 430 8.95 -18.75 -3.62
CA THR A 430 8.68 -20.16 -3.93
C THR A 430 9.78 -20.73 -4.84
N TYR A 431 10.36 -19.88 -5.68
CA TYR A 431 11.44 -20.31 -6.58
C TYR A 431 12.83 -20.13 -5.97
N ASN A 432 12.92 -19.36 -4.90
CA ASN A 432 14.20 -19.09 -4.22
C ASN A 432 13.95 -19.07 -2.71
N PRO A 433 13.56 -20.23 -2.14
CA PRO A 433 13.28 -20.41 -0.71
C PRO A 433 14.35 -20.06 0.33
N THR A 434 15.60 -19.91 -0.09
CA THR A 434 16.66 -19.60 0.86
C THR A 434 17.03 -18.12 0.89
N TRP A 435 16.44 -17.33 0.00
CA TRP A 435 16.73 -15.91 -0.06
C TRP A 435 16.30 -15.13 1.18
N SER A 436 17.11 -14.14 1.51
CA SER A 436 16.87 -13.26 2.65
C SER A 436 15.90 -12.18 2.19
N PRO A 437 15.29 -11.44 3.14
CA PRO A 437 14.35 -10.37 2.82
C PRO A 437 14.98 -9.35 1.86
N ALA A 438 16.22 -8.94 2.19
CA ALA A 438 16.93 -7.98 1.35
C ALA A 438 17.11 -8.48 -0.08
N ALA A 439 17.38 -9.77 -0.24
CA ALA A 439 17.57 -10.36 -1.57
C ALA A 439 16.28 -10.33 -2.38
N ILE A 440 15.17 -10.74 -1.76
CA ILE A 440 13.87 -10.75 -2.44
C ILE A 440 13.51 -9.32 -2.87
N LYS A 441 13.71 -8.37 -1.97
CA LYS A 441 13.42 -6.99 -2.24
C LYS A 441 14.28 -6.48 -3.39
N SER A 442 15.57 -6.84 -3.36
CA SER A 442 16.49 -6.42 -4.40
C SER A 442 15.99 -6.90 -5.76
N ALA A 443 15.60 -8.16 -5.84
CA ALA A 443 15.11 -8.77 -7.08
C ALA A 443 13.95 -7.99 -7.71
N LEU A 444 12.99 -7.58 -6.87
CA LEU A 444 11.85 -6.82 -7.37
C LEU A 444 12.26 -5.43 -7.85
N MET A 445 13.21 -4.81 -7.15
CA MET A 445 13.65 -3.45 -7.50
C MET A 445 14.54 -3.37 -8.73
N THR A 446 15.51 -4.28 -8.84
CA THR A 446 16.44 -4.25 -9.97
C THR A 446 15.85 -4.71 -11.31
N THR A 447 14.68 -5.32 -11.27
CA THR A 447 14.02 -5.77 -12.51
C THR A 447 12.76 -4.94 -12.78
N ALA A 448 12.50 -3.96 -11.93
CA ALA A 448 11.32 -3.12 -12.09
C ALA A 448 11.41 -2.38 -13.43
N SER A 449 10.26 -2.20 -14.09
CA SER A 449 10.22 -1.52 -15.37
C SER A 449 10.30 -0.01 -15.16
N PRO A 450 11.21 0.67 -15.87
CA PRO A 450 11.36 2.12 -15.72
C PRO A 450 10.03 2.83 -15.99
N MET A 451 9.71 3.83 -15.18
CA MET A 451 8.47 4.57 -15.39
C MET A 451 8.80 5.93 -16.01
N ASN A 452 7.79 6.60 -16.54
CA ASN A 452 7.99 7.88 -17.22
C ASN A 452 8.03 9.10 -16.29
N ALA A 453 9.20 9.71 -16.18
CA ALA A 453 9.36 10.88 -15.33
C ALA A 453 8.58 12.10 -15.84
N ARG A 454 8.12 12.04 -17.09
CA ARG A 454 7.36 13.16 -17.65
C ARG A 454 5.92 13.11 -17.15
N PHE A 455 5.47 11.92 -16.74
CA PHE A 455 4.12 11.75 -16.22
C PHE A 455 4.15 11.85 -14.69
N ASN A 456 5.34 11.76 -14.12
CA ASN A 456 5.55 11.87 -12.67
C ASN A 456 6.92 12.51 -12.44
N PRO A 457 7.02 13.84 -12.62
CA PRO A 457 8.27 14.60 -12.44
C PRO A 457 9.00 14.39 -11.11
N GLN A 458 8.27 13.98 -10.09
CA GLN A 458 8.90 13.75 -8.79
C GLN A 458 9.78 12.51 -8.89
N ALA A 459 9.67 11.81 -10.02
CA ALA A 459 10.48 10.63 -10.31
C ALA A 459 10.54 9.55 -9.23
N GLU A 460 11.74 9.19 -8.83
CA GLU A 460 11.93 8.15 -7.81
C GLU A 460 11.20 8.39 -6.48
N PHE A 461 10.92 9.65 -6.17
CA PHE A 461 10.23 9.96 -4.92
C PHE A 461 8.75 9.68 -5.02
N ALA A 462 8.33 9.23 -6.21
CA ALA A 462 6.94 8.88 -6.45
C ALA A 462 6.83 7.37 -6.71
N TYR A 463 7.73 6.83 -7.54
CA TYR A 463 7.68 5.40 -7.89
C TYR A 463 8.92 4.56 -7.57
N GLY A 464 9.89 5.12 -6.85
CA GLY A 464 11.08 4.34 -6.53
C GLY A 464 11.75 3.75 -7.77
N SER A 465 12.11 2.48 -7.72
CA SER A 465 12.77 1.84 -8.86
C SER A 465 11.88 1.66 -10.08
N GLY A 466 10.57 1.79 -9.92
CA GLY A 466 9.68 1.64 -11.06
C GLY A 466 8.51 0.69 -10.87
N HIS A 467 7.95 0.23 -11.98
CA HIS A 467 6.79 -0.66 -11.96
C HIS A 467 7.22 -2.13 -11.82
N VAL A 468 6.70 -2.80 -10.80
CA VAL A 468 7.07 -4.19 -10.55
C VAL A 468 6.84 -5.11 -11.78
N ASN A 469 7.77 -6.02 -12.01
CA ASN A 469 7.71 -6.96 -13.14
C ASN A 469 7.95 -8.36 -12.58
N PRO A 470 6.87 -9.06 -12.18
CA PRO A 470 6.84 -10.40 -11.60
C PRO A 470 7.75 -11.47 -12.22
N LEU A 471 7.53 -11.78 -13.49
CA LEU A 471 8.32 -12.81 -14.15
C LEU A 471 9.81 -12.56 -14.23
N LYS A 472 10.21 -11.30 -14.30
CA LYS A 472 11.63 -10.97 -14.37
C LYS A 472 12.30 -11.06 -12.99
N ALA A 473 11.52 -10.75 -11.95
CA ALA A 473 12.06 -10.77 -10.58
C ALA A 473 12.43 -12.16 -10.08
N VAL A 474 11.87 -13.20 -10.67
CA VAL A 474 12.17 -14.56 -10.23
C VAL A 474 13.64 -14.91 -10.45
N ARG A 475 14.23 -14.37 -11.51
CA ARG A 475 15.63 -14.64 -11.85
C ARG A 475 16.34 -13.34 -12.20
N PRO A 476 16.72 -12.57 -11.16
CA PRO A 476 17.40 -11.28 -11.31
C PRO A 476 18.88 -11.37 -11.66
N GLY A 477 19.44 -12.57 -11.54
CA GLY A 477 20.85 -12.76 -11.84
C GLY A 477 21.74 -12.42 -10.66
N LEU A 478 21.62 -11.19 -10.16
CA LEU A 478 22.41 -10.70 -9.02
C LEU A 478 21.52 -9.92 -8.05
N VAL A 479 21.90 -9.89 -6.79
CA VAL A 479 21.15 -9.14 -5.78
C VAL A 479 22.06 -8.37 -4.85
N TYR A 480 21.52 -7.29 -4.28
CA TYR A 480 22.26 -6.48 -3.30
C TYR A 480 21.75 -7.03 -1.97
N ASP A 481 22.49 -7.97 -1.40
CA ASP A 481 22.09 -8.60 -0.14
C ASP A 481 22.46 -7.80 1.10
N ALA A 482 21.80 -8.13 2.21
CA ALA A 482 22.03 -7.47 3.48
C ALA A 482 21.29 -8.20 4.60
N ASN A 483 21.62 -7.87 5.84
CA ASN A 483 20.98 -8.48 6.99
C ASN A 483 20.86 -7.49 8.14
N GLU A 484 20.23 -7.92 9.23
CA GLU A 484 20.03 -7.07 10.41
C GLU A 484 21.24 -6.21 10.77
N SER A 485 22.42 -6.82 10.86
CA SER A 485 23.64 -6.11 11.22
C SER A 485 23.88 -4.86 10.38
N ASP A 486 23.78 -4.99 9.06
CA ASP A 486 24.00 -3.88 8.14
C ASP A 486 23.23 -2.62 8.51
N TYR A 487 22.03 -2.79 9.03
CA TYR A 487 21.18 -1.66 9.40
C TYR A 487 21.64 -0.96 10.67
N VAL A 488 22.43 -1.66 11.48
CA VAL A 488 22.95 -1.09 12.72
C VAL A 488 24.45 -1.35 12.79
N LYS A 489 25.15 -1.11 11.67
CA LYS A 489 26.59 -1.33 11.61
C LYS A 489 27.39 -0.03 11.58
N PHE A 490 28.50 -0.02 12.31
CA PHE A 490 29.37 1.15 12.38
C PHE A 490 30.72 0.84 11.73
N THR A 516 31.62 -0.25 7.43
CA THR A 516 31.53 1.06 8.08
C THR A 516 30.07 1.50 8.21
N GLY A 517 29.87 2.63 8.90
CA GLY A 517 28.53 3.14 9.10
C GLY A 517 28.42 4.59 8.67
N ARG A 518 28.44 4.82 7.35
CA ARG A 518 28.33 6.17 6.80
C ARG A 518 26.90 6.47 6.38
N VAL A 519 26.36 5.57 5.55
CA VAL A 519 24.99 5.64 5.00
C VAL A 519 25.08 5.35 3.51
N TRP A 520 26.11 5.90 2.87
CA TRP A 520 26.33 5.71 1.44
C TRP A 520 26.99 4.35 1.22
N ASP A 521 27.17 3.61 2.30
CA ASP A 521 27.79 2.28 2.23
C ASP A 521 26.78 1.18 2.55
N LEU A 522 25.54 1.58 2.85
CA LEU A 522 24.49 0.61 3.12
C LEU A 522 24.24 -0.04 1.76
N ASN A 523 24.35 -1.37 1.70
CA ASN A 523 24.15 -2.08 0.42
C ASN A 523 22.69 -2.04 -0.02
N TYR A 524 22.26 -0.91 -0.57
CA TYR A 524 20.88 -0.73 -1.00
C TYR A 524 20.75 -0.84 -2.53
N PRO A 525 19.59 -1.34 -3.03
CA PRO A 525 19.34 -1.50 -4.46
C PRO A 525 19.22 -0.19 -5.27
N SER A 526 19.28 0.94 -4.57
CA SER A 526 19.21 2.24 -5.24
C SER A 526 20.20 3.20 -4.58
N PHE A 527 20.48 4.32 -5.25
CA PHE A 527 21.43 5.32 -4.75
C PHE A 527 20.76 6.67 -4.54
N GLY A 528 20.90 7.22 -3.34
CA GLY A 528 20.31 8.51 -3.06
C GLY A 528 21.34 9.50 -2.52
N LEU A 529 21.23 10.75 -2.95
CA LEU A 529 22.15 11.78 -2.51
C LEU A 529 21.46 13.14 -2.33
N SER A 530 21.64 13.74 -1.16
N SER A 530 21.64 13.74 -1.16
CA SER A 530 21.04 15.04 -0.87
CA SER A 530 21.05 15.03 -0.85
C SER A 530 22.11 16.12 -0.91
C SER A 530 22.11 16.12 -0.91
N VAL A 531 21.89 17.13 -1.75
CA VAL A 531 22.85 18.22 -1.90
C VAL A 531 22.17 19.58 -1.91
N SER A 532 22.96 20.63 -2.12
CA SER A 532 22.45 21.98 -2.17
C SER A 532 22.37 22.43 -3.63
N PRO A 533 21.39 23.28 -3.97
CA PRO A 533 21.25 23.74 -5.35
C PRO A 533 22.42 24.59 -5.85
N SER A 534 22.70 24.50 -7.15
CA SER A 534 23.77 25.27 -7.79
C SER A 534 25.19 24.98 -7.31
N GLN A 535 25.33 24.25 -6.21
CA GLN A 535 26.65 23.92 -5.68
C GLN A 535 27.20 22.61 -6.26
N THR A 536 28.52 22.48 -6.24
CA THR A 536 29.18 21.28 -6.75
C THR A 536 29.32 20.25 -5.64
N PHE A 537 29.32 18.96 -6.01
CA PHE A 537 29.44 17.89 -5.03
C PHE A 537 30.25 16.70 -5.56
N ASN A 538 30.76 15.89 -4.64
CA ASN A 538 31.57 14.72 -4.99
C ASN A 538 31.42 13.63 -3.93
N GLN A 539 30.50 12.70 -4.15
CA GLN A 539 30.26 11.62 -3.20
C GLN A 539 30.44 10.25 -3.85
N TYR A 540 30.68 9.22 -3.03
CA TYR A 540 30.87 7.88 -3.55
C TYR A 540 30.10 6.86 -2.72
N PHE A 541 29.64 5.79 -3.37
CA PHE A 541 28.89 4.73 -2.69
C PHE A 541 29.53 3.37 -2.94
N ASN A 542 29.65 2.57 -1.88
CA ASN A 542 30.22 1.25 -2.02
C ASN A 542 29.10 0.21 -2.01
N ARG A 543 29.19 -0.78 -2.89
CA ARG A 543 28.18 -1.84 -2.98
C ARG A 543 28.80 -3.21 -3.21
N THR A 544 28.04 -4.25 -2.88
CA THR A 544 28.49 -5.63 -3.07
C THR A 544 27.37 -6.45 -3.71
N LEU A 545 27.67 -7.04 -4.87
CA LEU A 545 26.70 -7.85 -5.60
C LEU A 545 26.94 -9.34 -5.35
N THR A 546 25.85 -10.07 -5.16
CA THR A 546 25.92 -11.51 -4.94
C THR A 546 25.19 -12.22 -6.08
N SER A 547 25.80 -13.22 -6.68
CA SER A 547 25.13 -13.93 -7.76
C SER A 547 24.16 -14.94 -7.16
N VAL A 548 22.94 -14.98 -7.69
CA VAL A 548 21.92 -15.91 -7.20
C VAL A 548 21.62 -16.96 -8.27
N ALA A 549 22.46 -17.01 -9.30
CA ALA A 549 22.29 -17.99 -10.38
C ALA A 549 23.47 -18.96 -10.40
N PRO A 550 23.20 -20.26 -10.65
CA PRO A 550 24.26 -21.27 -10.68
C PRO A 550 25.23 -21.11 -11.85
N GLN A 551 24.77 -20.57 -12.96
CA GLN A 551 25.62 -20.37 -14.13
C GLN A 551 26.50 -19.12 -13.95
N ALA A 552 27.76 -19.22 -14.35
CA ALA A 552 28.70 -18.10 -14.25
C ALA A 552 28.58 -17.21 -15.47
N SER A 553 28.92 -15.93 -15.31
CA SER A 553 28.86 -14.98 -16.42
C SER A 553 29.55 -13.68 -16.02
N THR A 554 29.79 -12.81 -17.01
CA THR A 554 30.43 -11.53 -16.78
C THR A 554 29.47 -10.38 -17.07
N TYR A 555 29.41 -9.43 -16.15
CA TYR A 555 28.54 -8.27 -16.29
C TYR A 555 29.32 -7.00 -16.58
N ARG A 556 28.74 -6.13 -17.39
CA ARG A 556 29.34 -4.85 -17.71
C ARG A 556 28.38 -3.76 -17.27
N ALA A 557 28.93 -2.66 -16.75
CA ALA A 557 28.11 -1.56 -16.27
C ALA A 557 27.78 -0.53 -17.34
N MET A 558 26.54 -0.08 -17.33
CA MET A 558 26.06 0.93 -18.28
C MET A 558 25.49 2.08 -17.45
N ILE A 559 26.03 3.28 -17.66
CA ILE A 559 25.58 4.45 -16.92
C ILE A 559 24.90 5.49 -17.78
N SER A 560 23.79 6.01 -17.29
CA SER A 560 23.02 7.03 -17.99
C SER A 560 22.86 8.21 -17.03
N ALA A 561 23.52 9.32 -17.35
CA ALA A 561 23.44 10.49 -16.50
C ALA A 561 23.19 11.78 -17.28
N PRO A 562 22.37 12.68 -16.72
CA PRO A 562 22.05 13.96 -17.36
C PRO A 562 23.29 14.84 -17.46
N GLN A 563 23.23 15.85 -18.32
CA GLN A 563 24.35 16.77 -18.48
C GLN A 563 24.56 17.51 -17.18
N GLY A 564 25.82 17.67 -16.77
CA GLY A 564 26.10 18.37 -15.53
C GLY A 564 26.55 17.41 -14.45
N LEU A 565 26.48 16.12 -14.74
CA LEU A 565 26.89 15.09 -13.79
C LEU A 565 27.97 14.18 -14.37
N THR A 566 28.86 13.75 -13.50
CA THR A 566 29.94 12.85 -13.88
C THR A 566 29.81 11.61 -13.01
N ILE A 567 29.24 10.55 -13.57
CA ILE A 567 29.03 9.31 -12.83
C ILE A 567 29.84 8.16 -13.43
N SER A 568 30.58 7.47 -12.59
CA SER A 568 31.40 6.35 -13.04
C SER A 568 31.44 5.24 -11.98
N VAL A 569 31.66 4.02 -12.43
CA VAL A 569 31.72 2.88 -11.54
C VAL A 569 33.06 2.15 -11.68
N ASN A 570 33.61 1.71 -10.56
CA ASN A 570 34.89 1.02 -10.57
C ASN A 570 34.89 -0.16 -9.61
N PRO A 571 35.10 -1.38 -10.13
CA PRO A 571 35.33 -1.70 -11.55
C PRO A 571 34.07 -1.48 -12.38
N ASN A 572 34.20 -1.55 -13.70
CA ASN A 572 33.04 -1.36 -14.57
C ASN A 572 32.72 -2.68 -15.28
N VAL A 573 33.37 -3.74 -14.82
CA VAL A 573 33.18 -5.08 -15.35
C VAL A 573 33.36 -6.05 -14.18
N LEU A 574 32.46 -7.02 -14.07
CA LEU A 574 32.54 -7.98 -12.96
C LEU A 574 32.19 -9.39 -13.41
N SER A 575 33.02 -10.36 -13.02
CA SER A 575 32.76 -11.75 -13.37
C SER A 575 32.42 -12.54 -12.12
N PHE A 576 31.38 -13.37 -12.22
CA PHE A 576 30.93 -14.20 -11.11
C PHE A 576 31.13 -15.66 -11.51
N ASN A 577 31.82 -16.41 -10.64
CA ASN A 577 32.13 -17.81 -10.90
C ASN A 577 31.00 -18.77 -10.59
N GLY A 578 29.92 -18.28 -10.00
CA GLY A 578 28.82 -19.15 -9.68
C GLY A 578 27.91 -18.70 -8.55
N LEU A 579 27.06 -19.61 -8.11
CA LEU A 579 26.09 -19.35 -7.06
C LEU A 579 26.76 -18.84 -5.78
N GLY A 580 26.38 -17.64 -5.36
CA GLY A 580 26.93 -17.09 -4.14
C GLY A 580 28.17 -16.24 -4.26
N ASP A 581 28.78 -16.22 -5.44
CA ASP A 581 29.99 -15.43 -5.63
C ASP A 581 29.66 -13.95 -5.40
N ARG A 582 30.53 -13.24 -4.68
CA ARG A 582 30.31 -11.83 -4.37
C ARG A 582 31.38 -10.92 -4.98
N LYS A 583 30.94 -9.77 -5.48
CA LYS A 583 31.85 -8.79 -6.08
C LYS A 583 31.45 -7.38 -5.66
N SER A 584 32.42 -6.59 -5.24
CA SER A 584 32.15 -5.23 -4.79
C SER A 584 32.56 -4.18 -5.83
N PHE A 585 31.95 -3.00 -5.72
CA PHE A 585 32.26 -1.90 -6.63
C PHE A 585 31.93 -0.57 -5.96
N THR A 586 32.51 0.50 -6.49
CA THR A 586 32.28 1.84 -5.96
C THR A 586 31.68 2.73 -7.04
N LEU A 587 30.68 3.52 -6.64
CA LEU A 587 30.02 4.44 -7.55
C LEU A 587 30.38 5.86 -7.12
N THR A 588 30.86 6.66 -8.07
CA THR A 588 31.22 8.04 -7.78
C THR A 588 30.33 8.97 -8.58
N VAL A 589 29.76 9.97 -7.90
CA VAL A 589 28.89 10.95 -8.55
C VAL A 589 29.41 12.36 -8.30
N ARG A 590 29.60 13.12 -9.37
CA ARG A 590 30.10 14.49 -9.28
C ARG A 590 29.28 15.42 -10.17
N GLY A 591 29.29 16.71 -9.84
CA GLY A 591 28.56 17.68 -10.64
C GLY A 591 27.70 18.65 -9.84
N SER A 592 26.60 19.08 -10.43
CA SER A 592 25.68 20.01 -9.80
C SER A 592 24.30 19.89 -10.42
N ILE A 593 23.28 20.36 -9.71
CA ILE A 593 21.90 20.30 -10.22
C ILE A 593 21.16 21.61 -9.97
N LYS A 594 20.23 21.93 -10.86
CA LYS A 594 19.45 23.16 -10.72
C LYS A 594 18.05 22.86 -10.19
N GLY A 595 17.49 21.73 -10.60
CA GLY A 595 16.16 21.36 -10.16
C GLY A 595 16.10 20.67 -8.81
N PHE A 596 14.89 20.36 -8.36
CA PHE A 596 14.70 19.70 -7.08
C PHE A 596 15.06 18.22 -7.15
N VAL A 597 14.78 17.59 -8.28
CA VAL A 597 15.06 16.17 -8.46
C VAL A 597 15.73 15.89 -9.80
N VAL A 598 16.86 15.19 -9.75
CA VAL A 598 17.61 14.82 -10.94
C VAL A 598 17.83 13.32 -10.93
N SER A 599 17.43 12.65 -12.01
CA SER A 599 17.55 11.20 -12.08
C SER A 599 18.58 10.67 -13.06
N ALA A 600 19.27 9.61 -12.65
CA ALA A 600 20.28 8.94 -13.47
C ALA A 600 20.09 7.45 -13.18
N SER A 601 20.86 6.59 -13.85
CA SER A 601 20.72 5.17 -13.62
C SER A 601 21.97 4.35 -13.91
N LEU A 602 22.10 3.24 -13.19
CA LEU A 602 23.20 2.30 -13.34
C LEU A 602 22.58 0.95 -13.66
N VAL A 603 23.09 0.28 -14.70
CA VAL A 603 22.59 -1.02 -15.06
C VAL A 603 23.73 -1.99 -15.32
N TRP A 604 23.71 -3.12 -14.63
CA TRP A 604 24.73 -4.16 -14.82
C TRP A 604 24.07 -5.25 -15.66
N SER A 605 24.71 -5.64 -16.76
CA SER A 605 24.14 -6.68 -17.60
C SER A 605 25.18 -7.64 -18.18
N ASP A 606 24.81 -8.91 -18.24
CA ASP A 606 25.69 -9.92 -18.81
C ASP A 606 25.09 -10.32 -20.15
N GLY A 607 24.11 -9.53 -20.60
CA GLY A 607 23.46 -9.80 -21.86
C GLY A 607 22.18 -10.59 -21.68
N VAL A 608 22.03 -11.21 -20.51
CA VAL A 608 20.85 -12.00 -20.20
C VAL A 608 20.06 -11.32 -19.08
N HIS A 609 20.77 -10.95 -18.02
CA HIS A 609 20.15 -10.27 -16.88
C HIS A 609 20.43 -8.78 -16.95
N TYR A 610 19.53 -8.00 -16.36
CA TYR A 610 19.66 -6.55 -16.30
C TYR A 610 19.37 -6.15 -14.86
N VAL A 611 20.41 -5.68 -14.16
CA VAL A 611 20.29 -5.27 -12.76
C VAL A 611 20.35 -3.75 -12.70
N ARG A 612 19.17 -3.13 -12.63
CA ARG A 612 19.05 -1.68 -12.62
C ARG A 612 18.88 -1.03 -11.24
N SER A 613 19.64 0.02 -11.02
CA SER A 613 19.60 0.79 -9.78
C SER A 613 19.50 2.26 -10.16
N PRO A 614 18.41 2.93 -9.77
CA PRO A 614 18.31 4.34 -10.12
C PRO A 614 19.22 5.14 -9.20
N ILE A 615 19.63 6.31 -9.67
CA ILE A 615 20.49 7.21 -8.89
C ILE A 615 19.72 8.52 -8.85
N THR A 616 19.34 8.95 -7.64
CA THR A 616 18.58 10.18 -7.51
C THR A 616 19.30 11.25 -6.71
N ILE A 617 19.42 12.44 -7.31
CA ILE A 617 20.07 13.56 -6.64
C ILE A 617 18.97 14.59 -6.37
N THR A 618 18.88 15.04 -5.12
CA THR A 618 17.85 16.02 -4.76
C THR A 618 18.38 17.19 -3.96
N SER A 619 17.76 18.35 -4.15
CA SER A 619 18.15 19.56 -3.44
C SER A 619 17.05 19.91 -2.43
N LEU A 620 16.12 18.99 -2.24
CA LEU A 620 15.02 19.19 -1.29
C LEU A 620 15.53 19.02 0.13
N VAL A 621 15.06 19.86 1.03
CA VAL A 621 15.47 19.79 2.43
C VAL A 621 14.28 19.49 3.35
N ASP B 15 -5.29 8.17 38.13
CA ASP B 15 -5.82 7.80 36.78
C ASP B 15 -5.18 8.65 35.70
N GLY B 16 -4.14 9.39 36.07
CA GLY B 16 -3.45 10.22 35.10
C GLY B 16 -2.46 9.32 34.36
N LYS B 17 -2.98 8.20 33.87
CA LYS B 17 -2.14 7.23 33.16
C LYS B 17 -2.39 7.19 31.66
N ASN B 18 -1.35 6.81 30.93
CA ASN B 18 -1.42 6.71 29.47
C ASN B 18 -0.68 5.45 29.04
N ILE B 19 -0.97 5.00 27.82
CA ILE B 19 -0.37 3.78 27.30
C ILE B 19 0.99 4.02 26.64
N TYR B 20 2.02 3.34 27.12
CA TYR B 20 3.36 3.48 26.55
C TYR B 20 3.91 2.11 26.15
N ILE B 21 4.90 2.13 25.26
CA ILE B 21 5.55 0.92 24.83
C ILE B 21 6.95 0.98 25.43
N VAL B 22 7.33 -0.07 26.17
CA VAL B 22 8.65 -0.15 26.74
C VAL B 22 9.38 -1.18 25.89
N TYR B 23 10.29 -0.71 25.04
CA TYR B 23 11.04 -1.57 24.15
C TYR B 23 12.39 -1.95 24.75
N MET B 24 12.67 -3.26 24.80
CA MET B 24 13.93 -3.72 25.39
C MET B 24 14.86 -4.49 24.45
N GLY B 25 14.57 -4.44 23.15
CA GLY B 25 15.43 -5.10 22.18
C GLY B 25 15.30 -6.60 21.96
N ARG B 26 16.38 -7.20 21.47
CA ARG B 26 16.44 -8.63 21.15
C ARG B 26 16.18 -9.58 22.32
N LYS B 27 15.67 -10.76 21.98
CA LYS B 27 15.35 -11.80 22.95
C LYS B 27 16.65 -12.42 23.50
N LEU B 28 16.73 -12.57 24.81
CA LEU B 28 17.92 -13.14 25.46
C LEU B 28 17.86 -14.66 25.65
N GLU B 29 16.93 -15.12 26.48
CA GLU B 29 16.77 -16.56 26.73
C GLU B 29 15.33 -16.99 26.50
N GLY B 47 12.77 -3.19 33.12
CA GLY B 47 11.65 -3.69 33.90
C GLY B 47 10.40 -2.83 33.72
N SER B 48 9.32 -3.22 34.39
CA SER B 48 8.06 -2.48 34.31
C SER B 48 7.06 -2.90 35.38
N THR B 49 7.45 -3.89 36.19
CA THR B 49 6.57 -4.39 37.25
C THR B 49 5.86 -3.31 38.07
N PHE B 50 6.58 -2.26 38.45
CA PHE B 50 6.02 -1.16 39.24
C PHE B 50 4.74 -1.63 39.94
N ALA B 51 3.62 -1.46 39.25
CA ALA B 51 2.33 -1.94 39.75
C ALA B 51 2.06 -3.14 38.85
N PRO B 52 1.96 -4.35 39.42
CA PRO B 52 1.71 -5.56 38.63
C PRO B 52 0.69 -5.40 37.52
N GLU B 53 -0.42 -4.73 37.81
CA GLU B 53 -1.47 -4.56 36.83
C GLU B 53 -1.22 -3.43 35.83
N SER B 54 -0.08 -2.76 35.95
CA SER B 54 0.24 -1.68 35.02
C SER B 54 0.67 -2.25 33.66
N VAL B 55 1.20 -3.47 33.66
CA VAL B 55 1.63 -4.12 32.43
C VAL B 55 0.41 -4.75 31.74
N LEU B 56 0.06 -4.23 30.57
CA LEU B 56 -1.09 -4.69 29.81
C LEU B 56 -0.83 -5.89 28.90
N HIS B 57 0.35 -5.92 28.30
CA HIS B 57 0.71 -7.00 27.39
C HIS B 57 2.23 -7.17 27.42
N THR B 58 2.70 -8.39 27.18
CA THR B 58 4.13 -8.65 27.18
C THR B 58 4.62 -9.23 25.87
N TYR B 59 5.66 -8.61 25.31
CA TYR B 59 6.25 -9.10 24.07
C TYR B 59 7.45 -9.93 24.54
N LYS B 60 7.50 -11.20 24.14
CA LYS B 60 8.61 -12.06 24.58
C LYS B 60 8.96 -13.20 23.64
N ARG B 61 8.08 -13.51 22.69
CA ARG B 61 8.33 -14.63 21.78
C ARG B 61 9.39 -14.35 20.71
N SER B 62 9.46 -13.11 20.24
CA SER B 62 10.40 -12.74 19.18
C SER B 62 11.32 -11.56 19.54
N PHE B 63 10.88 -10.75 20.50
CA PHE B 63 11.66 -9.62 21.00
C PHE B 63 11.12 -9.28 22.39
N ASN B 64 11.83 -8.43 23.12
CA ASN B 64 11.42 -8.08 24.48
C ASN B 64 10.82 -6.69 24.64
N GLY B 65 9.68 -6.62 25.34
CA GLY B 65 9.05 -5.34 25.56
C GLY B 65 7.74 -5.49 26.30
N PHE B 66 7.10 -4.36 26.60
CA PHE B 66 5.84 -4.35 27.32
C PHE B 66 4.94 -3.21 26.86
N ALA B 67 3.65 -3.42 26.97
CA ALA B 67 2.66 -2.38 26.67
C ALA B 67 2.22 -2.07 28.10
N VAL B 68 2.48 -0.84 28.55
CA VAL B 68 2.16 -0.46 29.93
C VAL B 68 1.28 0.77 30.09
N LYS B 69 0.58 0.86 31.22
CA LYS B 69 -0.26 2.00 31.50
C LYS B 69 0.41 2.67 32.69
N LEU B 70 1.01 3.83 32.45
CA LEU B 70 1.72 4.54 33.51
C LEU B 70 1.46 6.03 33.58
N THR B 71 1.88 6.64 34.69
CA THR B 71 1.78 8.07 34.87
C THR B 71 3.10 8.55 34.27
N GLU B 72 3.24 9.85 34.06
CA GLU B 72 4.48 10.34 33.48
C GLU B 72 5.71 10.10 34.35
N GLU B 73 5.55 10.20 35.66
CA GLU B 73 6.67 10.00 36.57
C GLU B 73 7.25 8.60 36.44
N GLU B 74 6.37 7.61 36.30
CA GLU B 74 6.80 6.23 36.17
C GLU B 74 7.47 6.02 34.82
N ALA B 75 6.84 6.54 33.77
CA ALA B 75 7.37 6.43 32.42
C ALA B 75 8.80 6.97 32.35
N GLU B 76 9.00 8.18 32.87
CA GLU B 76 10.32 8.80 32.87
C GLU B 76 11.38 8.00 33.64
N LYS B 77 10.95 7.29 34.68
CA LYS B 77 11.89 6.49 35.46
C LYS B 77 12.24 5.19 34.75
N ILE B 78 11.26 4.57 34.12
CA ILE B 78 11.51 3.32 33.40
C ILE B 78 12.43 3.58 32.22
N ALA B 79 12.22 4.70 31.55
CA ALA B 79 13.02 5.08 30.39
C ALA B 79 14.49 5.27 30.76
N SER B 80 14.74 5.61 32.01
CA SER B 80 16.11 5.83 32.49
C SER B 80 16.80 4.55 32.93
N MET B 81 16.02 3.47 33.09
CA MET B 81 16.58 2.20 33.51
C MET B 81 17.48 1.58 32.44
N GLU B 82 18.34 0.66 32.86
CA GLU B 82 19.24 -0.02 31.94
C GLU B 82 18.52 -1.22 31.32
N GLY B 83 18.93 -1.59 30.12
CA GLY B 83 18.29 -2.72 29.45
C GLY B 83 17.14 -2.21 28.59
N VAL B 84 16.61 -1.06 28.96
CA VAL B 84 15.51 -0.44 28.21
C VAL B 84 16.10 0.31 27.02
N VAL B 85 15.63 0.00 25.82
CA VAL B 85 16.13 0.66 24.62
C VAL B 85 15.39 1.97 24.35
N SER B 86 14.08 1.96 24.57
CA SER B 86 13.28 3.16 24.35
C SER B 86 11.91 3.00 24.98
N VAL B 87 11.25 4.13 25.19
CA VAL B 87 9.91 4.16 25.75
C VAL B 87 9.20 5.22 24.94
N PHE B 88 8.04 4.87 24.38
CA PHE B 88 7.31 5.86 23.60
C PHE B 88 5.81 5.76 23.81
N LEU B 89 5.14 6.89 23.65
CA LEU B 89 3.70 6.96 23.82
C LEU B 89 3.01 6.21 22.69
N ASN B 90 2.00 5.42 23.04
CA ASN B 90 1.27 4.67 22.03
C ASN B 90 0.56 5.61 21.06
N GLU B 91 0.70 5.33 19.77
CA GLU B 91 0.04 6.13 18.75
C GLU B 91 -0.86 5.25 17.89
N MET B 92 -1.91 5.85 17.34
CA MET B 92 -2.83 5.11 16.49
C MET B 92 -2.43 5.29 15.03
N ASN B 93 -2.07 4.19 14.39
CA ASN B 93 -1.69 4.19 12.98
C ASN B 93 -2.97 4.09 12.16
N GLU B 94 -2.87 4.18 10.84
CA GLU B 94 -4.07 4.15 10.00
C GLU B 94 -4.05 3.22 8.80
N LEU B 95 -5.23 2.85 8.33
CA LEU B 95 -5.39 2.01 7.15
C LEU B 95 -5.09 2.84 5.92
N HIS B 96 -4.47 2.22 4.92
CA HIS B 96 -4.15 2.90 3.67
C HIS B 96 -5.08 2.36 2.58
C1 NAG C . -5.09 8.43 -18.18
C2 NAG C . -6.13 9.55 -18.17
C3 NAG C . -5.45 10.90 -17.92
C4 NAG C . -4.57 10.85 -16.66
C5 NAG C . -3.61 9.64 -16.75
C6 NAG C . -2.82 9.45 -15.46
C7 NAG C . -8.15 9.31 -19.46
C8 NAG C . -8.85 9.39 -20.81
N2 NAG C . -6.85 9.59 -19.43
O3 NAG C . -6.46 11.91 -17.74
O4 NAG C . -3.81 12.07 -16.55
O5 NAG C . -4.36 8.42 -16.95
O6 NAG C . -3.69 9.25 -14.36
O7 NAG C . -8.80 9.00 -18.46
C1 NAG C . -3.84 12.72 -15.31
C2 NAG C . -2.73 13.77 -15.27
C3 NAG C . -2.81 14.57 -13.96
C4 NAG C . -4.22 15.12 -13.76
C5 NAG C . -5.26 14.00 -13.88
C6 NAG C . -6.67 14.52 -13.77
C7 NAG C . -0.78 13.12 -16.55
C8 NAG C . 0.60 12.49 -16.56
N2 NAG C . -1.43 13.14 -15.38
O3 NAG C . -1.87 15.63 -13.99
O4 NAG C . -4.32 15.74 -12.45
O5 NAG C . -5.13 13.34 -15.15
O6 NAG C . -7.56 13.50 -13.36
O7 NAG C . -1.26 13.59 -17.58
C1 BMA C . -3.99 17.08 -12.37
C2 BMA C . -4.86 17.76 -11.32
C3 BMA C . -4.43 19.21 -11.13
C4 BMA C . -2.94 19.28 -10.81
C5 BMA C . -2.14 18.54 -11.89
C6 BMA C . -0.66 18.49 -11.58
O2 BMA C . -4.74 17.06 -10.09
O3 BMA C . -5.17 19.80 -10.07
O4 BMA C . -2.53 20.64 -10.74
O5 BMA C . -2.61 17.18 -12.01
O6 BMA C . 0.04 17.79 -12.62
C1 MAN C . 1.40 17.65 -12.33
C2 MAN C . 2.16 17.07 -13.54
C3 MAN C . 1.79 15.59 -13.73
C4 MAN C . 2.02 14.81 -12.45
C5 MAN C . 1.25 15.45 -11.30
C6 MAN C . 1.52 14.79 -9.97
O2 MAN C . 3.55 17.19 -13.31
O3 MAN C . 2.59 15.04 -14.77
O4 MAN C . 1.59 13.46 -12.62
O5 MAN C . 1.63 16.84 -11.17
O6 MAN C . 0.70 15.33 -8.94
C1 FUC C . -6.76 12.67 -18.89
C2 FUC C . -8.14 13.34 -18.73
C3 FUC C . -8.06 14.36 -17.59
C4 FUC C . -6.96 15.38 -17.90
C5 FUC C . -5.63 14.67 -18.13
C6 FUC C . -4.52 15.61 -18.58
O2 FUC C . -9.12 12.37 -18.44
O3 FUC C . -9.32 15.01 -17.46
O4 FUC C . -7.31 16.12 -19.05
O5 FUC C . -5.76 13.65 -19.16
C1 NAG D . 32.89 -2.27 0.07
C2 NAG D . 34.30 -2.02 0.60
C3 NAG D . 35.13 -3.31 0.54
C4 NAG D . 34.38 -4.50 1.16
C5 NAG D . 32.91 -4.57 0.69
C6 NAG D . 32.10 -5.57 1.49
C7 NAG D . 35.32 0.16 0.38
C8 NAG D . 34.31 1.30 0.43
N2 NAG D . 34.94 -0.98 -0.19
O3 NAG D . 36.37 -3.12 1.24
O4 NAG D . 35.05 -5.72 0.79
O5 NAG D . 32.26 -3.30 0.84
O6 NAG D . 32.25 -6.89 0.98
O7 NAG D . 36.46 0.33 0.85
C1 FUC D . 37.49 -2.79 0.46
C2 FUC D . 38.72 -2.61 1.37
C3 FUC D . 39.15 -3.96 1.96
C4 FUC D . 39.37 -4.99 0.83
C5 FUC D . 38.12 -5.08 -0.05
C6 FUC D . 38.33 -5.96 -1.26
O2 FUC D . 38.42 -1.71 2.42
O3 FUC D . 40.35 -3.80 2.69
O4 FUC D . 40.49 -4.60 0.05
O5 FUC D . 37.77 -3.76 -0.55
C1 NAG D . 35.16 -6.71 1.76
C2 NAG D . 35.50 -8.05 1.08
C3 NAG D . 35.72 -9.13 2.13
C4 NAG D . 36.76 -8.67 3.15
C5 NAG D . 36.37 -7.31 3.73
C6 NAG D . 37.42 -6.75 4.67
C7 NAG D . 34.68 -8.74 -1.08
C8 NAG D . 34.76 -10.21 -1.44
N2 NAG D . 34.42 -8.43 0.18
O3 NAG D . 36.14 -10.33 1.51
O4 NAG D . 36.88 -9.62 4.20
O5 NAG D . 36.20 -6.34 2.67
O6 NAG D . 36.82 -6.11 5.78
O7 NAG D . 34.87 -7.89 -1.95
CL CL E . -13.65 -3.57 25.08
CL CL F . -10.93 -17.17 21.41
C1 PEG G . -7.63 -5.06 -21.35
O1 PEG G . -8.71 -5.83 -20.81
C2 PEG G . -7.86 -3.57 -21.07
O2 PEG G . -9.22 -3.23 -21.38
C3 PEG G . -9.39 -1.85 -21.09
C4 PEG G . -10.82 -1.44 -21.41
O4 PEG G . -11.01 -1.39 -22.82
C1 PEG H . -7.51 6.71 -1.38
O1 PEG H . -8.84 6.26 -1.09
C2 PEG H . -7.47 8.24 -1.36
O2 PEG H . -7.45 8.69 0.00
C3 PEG H . -7.41 10.11 -0.04
C4 PEG H . -7.39 10.68 1.38
O4 PEG H . -6.32 10.07 2.12
C1 PEG I . -0.34 -28.58 -4.11
O1 PEG I . -0.19 -29.39 -5.28
C2 PEG I . -1.73 -28.77 -3.52
O2 PEG I . -2.71 -28.26 -4.41
C3 PEG I . -3.99 -28.48 -3.80
C4 PEG I . -5.10 -27.94 -4.72
O4 PEG I . -5.24 -28.81 -5.85
C1 PEG J . 4.75 -2.29 -17.88
O1 PEG J . 3.43 -1.87 -18.27
C2 PEG J . 5.77 -1.23 -18.28
O2 PEG J . 5.39 0.03 -17.72
C3 PEG J . 6.37 0.98 -18.12
C4 PEG J . 6.03 2.34 -17.56
O4 PEG J . 5.27 3.07 -18.53
C1 GOL K . 11.42 -17.12 6.13
O1 GOL K . 10.92 -17.90 5.22
C2 GOL K . 12.93 -17.64 6.15
O2 GOL K . 12.90 -18.99 6.50
C3 GOL K . 13.62 -17.40 4.76
O3 GOL K . 14.87 -17.83 4.77
#